data_6TFL
#
_entry.id   6TFL
#
_cell.length_a   156.450
_cell.length_b   156.450
_cell.length_c   106.630
_cell.angle_alpha   90.000
_cell.angle_beta   90.000
_cell.angle_gamma   90.000
#
_symmetry.space_group_name_H-M   'P 41 21 2'
#
loop_
_entity.id
_entity.type
_entity.pdbx_description
1 polymer 'RNA-binding protein Lsm'
2 non-polymer 'CALCIUM ION'
3 non-polymer URIDINE
4 non-polymer GLYCEROL
5 water water
#
_entity_poly.entity_id   1
_entity_poly.type   'polypeptide(L)'
_entity_poly.pdbx_seq_one_letter_code
;GAMSGRPLDVLEESLEETVTVRLKDGDEFTGVLTGYDQHMNVVIEGEDTTIIRGDNVVTIKP
;
_entity_poly.pdbx_strand_id   A,B,C,D,E,F,G,H,I,J,K,L,M,N
#
loop_
_chem_comp.id
_chem_comp.type
_chem_comp.name
_chem_comp.formula
CA non-polymer 'CALCIUM ION' 'Ca 2'
GOL non-polymer GLYCEROL 'C3 H8 O3'
URI non-polymer URIDINE 'C9 H12 N2 O6'
#
# COMPACT_ATOMS: atom_id res chain seq x y z
N GLY A 1 -22.87 -10.66 -8.21
CA GLY A 1 -21.53 -10.18 -7.90
C GLY A 1 -20.69 -11.24 -7.20
N ALA A 2 -19.46 -10.88 -6.88
CA ALA A 2 -18.56 -11.78 -6.17
C ALA A 2 -18.70 -11.58 -4.66
N MET A 3 -18.29 -12.61 -3.92
CA MET A 3 -18.15 -12.58 -2.47
C MET A 3 -19.47 -12.57 -1.72
N SER A 4 -20.60 -12.76 -2.40
CA SER A 4 -21.87 -12.90 -1.69
C SER A 4 -22.28 -11.63 -0.96
N GLY A 5 -22.79 -11.80 0.25
CA GLY A 5 -23.03 -10.66 1.14
C GLY A 5 -21.79 -10.37 1.96
N ARG A 6 -21.02 -9.38 1.53
CA ARG A 6 -19.73 -9.10 2.16
C ARG A 6 -19.93 -8.79 3.64
N PRO A 7 -18.97 -9.18 4.49
CA PRO A 7 -19.08 -8.83 5.92
C PRO A 7 -19.28 -7.35 6.19
N LEU A 8 -18.53 -6.45 5.54
CA LEU A 8 -18.80 -5.04 5.76
C LEU A 8 -20.17 -4.62 5.24
N ASP A 9 -20.71 -5.33 4.24
CA ASP A 9 -22.05 -5.04 3.77
C ASP A 9 -23.11 -5.53 4.78
N VAL A 10 -22.85 -6.65 5.45
CA VAL A 10 -23.74 -7.07 6.52
C VAL A 10 -23.72 -6.07 7.66
N LEU A 11 -22.55 -5.49 7.95
CA LEU A 11 -22.46 -4.45 8.98
C LEU A 11 -23.24 -3.20 8.57
N GLU A 12 -23.17 -2.81 7.31
CA GLU A 12 -23.99 -1.70 6.84
C GLU A 12 -25.47 -1.96 7.14
N GLU A 13 -25.96 -3.14 6.77
CA GLU A 13 -27.38 -3.40 6.96
C GLU A 13 -27.74 -3.78 8.38
N SER A 14 -26.77 -3.88 9.30
CA SER A 14 -27.07 -3.99 10.72
C SER A 14 -26.97 -2.67 11.45
N LEU A 15 -26.72 -1.56 10.76
CA LEU A 15 -26.68 -0.26 11.42
C LEU A 15 -28.02 0.05 12.06
N GLU A 16 -27.98 0.69 13.23
CA GLU A 16 -29.14 1.06 14.04
C GLU A 16 -29.82 -0.15 14.67
N GLU A 17 -29.31 -1.36 14.47
CA GLU A 17 -29.83 -2.57 15.09
C GLU A 17 -28.85 -3.10 16.14
N THR A 18 -29.34 -4.04 16.94
CA THR A 18 -28.57 -4.57 18.05
C THR A 18 -27.67 -5.72 17.59
N VAL A 19 -26.44 -5.74 18.11
CA VAL A 19 -25.42 -6.71 17.74
C VAL A 19 -24.64 -7.07 18.99
N THR A 20 -23.97 -8.22 18.93
CA THR A 20 -23.03 -8.62 19.97
C THR A 20 -21.65 -8.79 19.36
N VAL A 21 -20.67 -8.13 19.95
CA VAL A 21 -19.28 -8.18 19.54
C VAL A 21 -18.51 -8.92 20.62
N ARG A 22 -17.76 -9.93 20.22
CA ARG A 22 -16.95 -10.71 21.15
C ARG A 22 -15.48 -10.46 20.86
N LEU A 23 -14.71 -10.15 21.90
CA LEU A 23 -13.31 -9.78 21.78
C LEU A 23 -12.39 -10.96 22.09
N LYS A 24 -11.14 -10.83 21.64
CA LYS A 24 -10.16 -11.90 21.85
C LYS A 24 -9.95 -12.20 23.31
N ASP A 25 -10.10 -11.19 24.18
CA ASP A 25 -9.94 -11.43 25.62
C ASP A 25 -11.12 -12.18 26.22
N GLY A 26 -12.20 -12.39 25.46
CA GLY A 26 -13.38 -13.07 25.94
C GLY A 26 -14.52 -12.16 26.36
N ASP A 27 -14.31 -10.85 26.42
CA ASP A 27 -15.40 -9.93 26.75
C ASP A 27 -16.39 -9.85 25.60
N GLU A 28 -17.62 -9.46 25.93
CA GLU A 28 -18.69 -9.28 24.95
C GLU A 28 -19.34 -7.92 25.17
N PHE A 29 -19.74 -7.29 24.08
CA PHE A 29 -20.38 -5.99 24.13
C PHE A 29 -21.65 -6.06 23.29
N THR A 30 -22.78 -5.80 23.91
CA THR A 30 -24.06 -5.82 23.22
C THR A 30 -24.63 -4.41 23.21
N GLY A 31 -25.07 -3.97 22.04
CA GLY A 31 -25.65 -2.65 21.90
C GLY A 31 -25.98 -2.43 20.44
N VAL A 32 -26.44 -1.23 20.16
CA VAL A 32 -26.82 -0.87 18.79
C VAL A 32 -25.56 -0.50 18.02
N LEU A 33 -25.37 -1.12 16.86
CA LEU A 33 -24.28 -0.73 15.98
C LEU A 33 -24.62 0.60 15.30
N THR A 34 -23.81 1.64 15.58
CA THR A 34 -24.02 2.95 14.95
C THR A 34 -22.88 3.36 14.02
N GLY A 35 -21.82 2.57 13.90
CA GLY A 35 -20.83 2.86 12.88
C GLY A 35 -19.76 1.79 12.83
N TYR A 36 -19.01 1.80 11.74
CA TYR A 36 -17.90 0.90 11.55
C TYR A 36 -17.01 1.49 10.47
N ASP A 37 -15.83 0.89 10.28
CA ASP A 37 -14.95 1.26 9.18
C ASP A 37 -14.29 0.02 8.59
N GLN A 38 -13.45 0.26 7.58
CA GLN A 38 -12.78 -0.81 6.83
C GLN A 38 -11.92 -1.71 7.69
N HIS A 39 -11.44 -1.25 8.85
CA HIS A 39 -10.68 -2.15 9.71
C HIS A 39 -11.57 -3.01 10.59
N MET A 40 -12.89 -2.83 10.51
CA MET A 40 -13.86 -3.41 11.41
C MET A 40 -13.74 -2.85 12.82
N ASN A 41 -13.21 -1.63 12.97
CA ASN A 41 -13.55 -0.84 14.15
C ASN A 41 -15.07 -0.66 14.14
N VAL A 42 -15.70 -0.84 15.30
CA VAL A 42 -17.14 -0.64 15.40
C VAL A 42 -17.43 0.35 16.51
N VAL A 43 -18.57 1.03 16.40
CA VAL A 43 -19.14 1.84 17.47
C VAL A 43 -20.42 1.14 17.96
N ILE A 44 -20.48 0.84 19.26
CA ILE A 44 -21.59 0.14 19.87
C ILE A 44 -22.20 1.05 20.93
N GLU A 45 -23.52 1.26 20.86
CA GLU A 45 -24.24 2.11 21.81
C GLU A 45 -25.36 1.30 22.47
N GLY A 46 -25.16 1.00 23.75
CA GLY A 46 -26.20 0.42 24.58
C GLY A 46 -26.59 1.44 25.62
N GLU A 47 -26.15 1.24 26.86
CA GLU A 47 -26.34 2.30 27.84
C GLU A 47 -25.29 3.41 27.71
N ASP A 48 -24.11 3.08 27.16
CA ASP A 48 -23.15 4.11 26.77
C ASP A 48 -22.56 3.72 25.41
N THR A 49 -21.54 4.46 25.00
CA THR A 49 -20.93 4.37 23.69
C THR A 49 -19.54 3.79 23.82
N THR A 50 -19.25 2.74 23.04
CA THR A 50 -17.96 2.06 23.06
C THR A 50 -17.40 1.99 21.64
N ILE A 51 -16.26 2.64 21.43
CA ILE A 51 -15.48 2.42 20.21
C ILE A 51 -14.61 1.19 20.45
N ILE A 52 -14.77 0.19 19.59
CA ILE A 52 -13.99 -1.04 19.68
C ILE A 52 -13.03 -1.07 18.50
N ARG A 53 -11.74 -1.22 18.78
CA ARG A 53 -10.76 -1.34 17.71
C ARG A 53 -10.87 -2.74 17.11
N GLY A 54 -10.91 -2.80 15.78
CA GLY A 54 -11.22 -4.03 15.08
C GLY A 54 -10.26 -5.17 15.39
N ASP A 55 -8.99 -4.86 15.63
CA ASP A 55 -8.00 -5.91 15.85
C ASP A 55 -8.34 -6.80 17.04
N ASN A 56 -9.19 -6.35 17.96
CA ASN A 56 -9.62 -7.16 19.10
C ASN A 56 -10.83 -8.05 18.81
N VAL A 57 -11.47 -7.89 17.65
CA VAL A 57 -12.74 -8.55 17.38
C VAL A 57 -12.51 -10.00 16.97
N VAL A 58 -13.28 -10.91 17.55
CA VAL A 58 -13.33 -12.29 17.09
C VAL A 58 -14.56 -12.45 16.20
N THR A 59 -15.74 -12.23 16.77
CA THR A 59 -16.98 -12.33 16.02
C THR A 59 -17.89 -11.14 16.29
N ILE A 60 -18.69 -10.78 15.30
CA ILE A 60 -19.84 -9.89 15.47
C ILE A 60 -21.10 -10.67 15.11
N LYS A 61 -22.12 -10.59 15.95
CA LYS A 61 -23.39 -11.27 15.68
C LYS A 61 -24.52 -10.26 15.56
N PRO A 62 -24.91 -9.89 14.34
CA PRO A 62 -26.03 -8.99 14.04
C PRO A 62 -27.40 -9.69 14.01
N GLY B 1 -7.80 22.26 11.75
CA GLY B 1 -7.92 21.08 10.91
C GLY B 1 -8.58 19.89 11.59
N ALA B 2 -8.36 18.69 11.05
CA ALA B 2 -8.87 17.48 11.68
C ALA B 2 -7.82 16.88 12.59
N MET B 3 -8.28 15.98 13.47
CA MET B 3 -7.44 15.12 14.31
C MET B 3 -6.76 15.87 15.45
N SER B 4 -7.07 17.15 15.65
CA SER B 4 -6.50 17.85 16.78
C SER B 4 -5.00 17.99 16.67
N GLY B 5 -4.32 17.85 17.80
CA GLY B 5 -2.88 17.74 17.77
C GLY B 5 -2.47 16.29 17.58
N ARG B 6 -2.21 15.87 16.34
CA ARG B 6 -1.89 14.47 16.03
C ARG B 6 -0.78 13.94 16.94
N PRO B 7 -0.82 12.65 17.29
CA PRO B 7 0.26 12.05 18.11
C PRO B 7 1.67 12.24 17.56
N LEU B 8 1.88 12.14 16.25
CA LEU B 8 3.22 12.35 15.71
C LEU B 8 3.61 13.83 15.77
N ASP B 9 2.63 14.73 15.71
CA ASP B 9 2.92 16.14 15.86
C ASP B 9 3.33 16.48 17.29
N VAL B 10 2.64 15.90 18.28
CA VAL B 10 3.07 16.06 19.65
C VAL B 10 4.49 15.53 19.83
N LEU B 11 4.83 14.44 19.15
CA LEU B 11 6.21 13.95 19.15
C LEU B 11 7.16 14.96 18.52
N GLU B 12 6.77 15.55 17.37
CA GLU B 12 7.56 16.60 16.75
C GLU B 12 7.82 17.75 17.72
N GLU B 13 6.81 18.12 18.49
CA GLU B 13 6.95 19.24 19.42
C GLU B 13 7.70 18.85 20.68
N SER B 14 8.04 17.57 20.85
CA SER B 14 8.80 17.09 22.00
C SER B 14 10.24 16.78 21.65
N LEU B 15 10.64 17.04 20.40
CA LEU B 15 12.04 16.88 20.01
C LEU B 15 12.95 17.66 20.96
N GLU B 16 14.11 17.09 21.26
CA GLU B 16 15.11 17.69 22.14
C GLU B 16 14.59 17.85 23.58
N GLU B 17 13.50 17.16 23.96
CA GLU B 17 13.02 17.15 25.33
C GLU B 17 13.00 15.74 25.91
N THR B 18 13.04 15.67 27.23
CA THR B 18 13.03 14.39 27.94
C THR B 18 11.64 13.80 27.90
N VAL B 19 11.51 12.60 27.34
CA VAL B 19 10.27 11.84 27.37
C VAL B 19 10.54 10.52 28.09
N THR B 20 9.46 9.87 28.49
CA THR B 20 9.51 8.51 29.02
C THR B 20 8.68 7.60 28.12
N VAL B 21 9.29 6.50 27.70
CA VAL B 21 8.68 5.54 26.77
C VAL B 21 8.44 4.23 27.53
N ARG B 22 7.19 3.77 27.54
CA ARG B 22 6.84 2.54 28.23
C ARG B 22 6.52 1.43 27.21
N LEU B 23 7.17 0.27 27.39
CA LEU B 23 7.07 -0.82 26.43
C LEU B 23 6.16 -1.95 26.94
N LYS B 24 5.68 -2.76 25.99
CA LYS B 24 4.77 -3.85 26.32
C LYS B 24 5.35 -4.81 27.36
N ASP B 25 6.67 -4.95 27.42
CA ASP B 25 7.28 -5.87 28.39
C ASP B 25 7.37 -5.29 29.79
N GLY B 26 7.01 -4.02 29.98
CA GLY B 26 7.08 -3.38 31.27
C GLY B 26 8.25 -2.42 31.43
N ASP B 27 9.24 -2.49 30.56
CA ASP B 27 10.39 -1.60 30.71
C ASP B 27 10.02 -0.18 30.33
N GLU B 28 10.68 0.77 31.00
CA GLU B 28 10.53 2.19 30.72
C GLU B 28 11.88 2.73 30.29
N PHE B 29 11.89 3.64 29.33
CA PHE B 29 13.09 4.33 28.91
C PHE B 29 12.85 5.83 29.02
N THR B 30 13.75 6.52 29.72
CA THR B 30 13.69 7.96 29.88
C THR B 30 14.97 8.56 29.31
N GLY B 31 14.83 9.68 28.62
CA GLY B 31 15.93 10.30 27.91
C GLY B 31 15.37 11.31 26.94
N VAL B 32 16.28 12.03 26.29
CA VAL B 32 15.88 13.06 25.33
C VAL B 32 15.40 12.38 24.05
N LEU B 33 14.27 12.85 23.52
CA LEU B 33 13.81 12.37 22.23
C LEU B 33 14.52 13.15 21.13
N THR B 34 15.34 12.45 20.32
CA THR B 34 16.09 13.10 19.26
C THR B 34 15.57 12.78 17.86
N GLY B 35 14.68 11.80 17.73
CA GLY B 35 14.13 11.45 16.45
C GLY B 35 12.99 10.48 16.62
N TYR B 36 12.15 10.43 15.59
CA TYR B 36 11.06 9.46 15.51
C TYR B 36 10.73 9.28 14.05
N ASP B 37 9.84 8.33 13.76
CA ASP B 37 9.36 8.16 12.39
C ASP B 37 7.88 7.76 12.41
N GLN B 38 7.34 7.54 11.21
CA GLN B 38 5.92 7.26 10.99
C GLN B 38 5.45 5.99 11.70
N HIS B 39 6.33 5.05 12.00
CA HIS B 39 5.90 3.86 12.75
C HIS B 39 5.91 4.07 14.26
N MET B 40 6.26 5.27 14.72
CA MET B 40 6.57 5.54 16.12
C MET B 40 7.82 4.79 16.60
N ASN B 41 8.77 4.48 15.72
CA ASN B 41 10.10 4.21 16.22
C ASN B 41 10.65 5.50 16.82
N VAL B 42 11.36 5.39 17.94
CA VAL B 42 11.87 6.57 18.61
C VAL B 42 13.36 6.37 18.89
N VAL B 43 14.10 7.48 18.91
CA VAL B 43 15.49 7.50 19.38
C VAL B 43 15.51 8.28 20.69
N ILE B 44 15.96 7.62 21.75
CA ILE B 44 16.00 8.16 23.10
C ILE B 44 17.47 8.26 23.53
N GLU B 45 17.89 9.45 23.95
CA GLU B 45 19.28 9.71 24.34
C GLU B 45 19.35 9.93 25.84
N GLY B 46 20.03 9.03 26.55
CA GLY B 46 20.35 9.18 27.95
C GLY B 46 21.85 9.20 28.14
N GLU B 47 22.39 8.28 28.94
CA GLU B 47 23.85 8.09 28.94
C GLU B 47 24.36 7.68 27.57
N ASP B 48 23.48 7.10 26.73
CA ASP B 48 23.81 6.75 25.36
C ASP B 48 22.51 6.62 24.57
N THR B 49 22.64 6.34 23.29
CA THR B 49 21.52 6.30 22.35
C THR B 49 20.81 4.95 22.38
N THR B 50 19.48 5.00 22.34
CA THR B 50 18.64 3.81 22.23
C THR B 50 17.64 4.03 21.12
N ILE B 51 17.65 3.16 20.11
CA ILE B 51 16.56 3.10 19.14
C ILE B 51 15.55 2.08 19.63
N ILE B 52 14.30 2.51 19.79
CA ILE B 52 13.20 1.66 20.23
C ILE B 52 12.27 1.45 19.04
N ARG B 53 11.98 0.20 18.73
CA ARG B 53 11.06 -0.08 17.65
C ARG B 53 9.62 0.16 18.11
N GLY B 54 8.83 0.80 17.24
CA GLY B 54 7.54 1.35 17.66
C GLY B 54 6.53 0.32 18.10
N ASP B 55 6.53 -0.86 17.50
CA ASP B 55 5.52 -1.87 17.84
C ASP B 55 5.70 -2.41 19.26
N ASN B 56 6.79 -2.08 19.94
CA ASN B 56 6.94 -2.41 21.36
C ASN B 56 6.30 -1.37 22.28
N VAL B 57 5.94 -0.20 21.76
CA VAL B 57 5.59 0.94 22.60
C VAL B 57 4.13 0.82 23.06
N VAL B 58 3.91 1.00 24.36
CA VAL B 58 2.55 1.17 24.87
C VAL B 58 2.21 2.65 24.95
N THR B 59 2.87 3.39 25.84
CA THR B 59 2.66 4.83 25.98
C THR B 59 3.97 5.58 25.85
N ILE B 60 3.86 6.85 25.46
CA ILE B 60 4.93 7.83 25.53
C ILE B 60 4.41 9.01 26.35
N LYS B 61 5.14 9.38 27.40
CA LYS B 61 4.81 10.56 28.18
C LYS B 61 5.76 11.69 27.82
N PRO B 62 5.39 12.55 26.86
CA PRO B 62 6.26 13.61 26.36
C PRO B 62 6.33 14.80 27.31
N GLY C 1 14.81 19.32 9.07
CA GLY C 1 13.51 18.85 8.65
C GLY C 1 12.59 18.43 9.80
N ALA C 2 11.51 17.73 9.45
CA ALA C 2 10.71 17.13 10.49
C ALA C 2 11.34 15.83 10.96
N MET C 3 10.97 15.42 12.18
CA MET C 3 11.28 14.14 12.83
C MET C 3 12.67 14.07 13.46
N SER C 4 13.39 15.18 13.62
CA SER C 4 14.69 15.09 14.30
C SER C 4 15.67 14.24 13.51
N GLY C 5 16.45 13.43 14.23
CA GLY C 5 17.25 12.39 13.60
C GLY C 5 16.46 11.10 13.50
N ARG C 6 15.81 10.86 12.36
CA ARG C 6 14.98 9.69 12.16
C ARG C 6 15.74 8.43 12.60
N PRO C 7 15.06 7.47 13.25
CA PRO C 7 15.72 6.21 13.64
C PRO C 7 16.53 5.54 12.54
N LEU C 8 16.01 5.46 11.32
CA LEU C 8 16.78 4.80 10.25
C LEU C 8 17.97 5.62 9.81
N ASP C 9 17.95 6.93 10.03
CA ASP C 9 19.13 7.75 9.76
C ASP C 9 20.20 7.56 10.81
N VAL C 10 19.80 7.26 12.04
CA VAL C 10 20.78 6.93 13.07
C VAL C 10 21.43 5.59 12.76
N LEU C 11 20.67 4.66 12.16
CA LEU C 11 21.27 3.41 11.71
C LEU C 11 22.28 3.66 10.61
N GLU C 12 21.97 4.55 9.66
CA GLU C 12 22.90 4.83 8.58
C GLU C 12 24.23 5.33 9.12
N GLU C 13 24.19 6.18 10.15
CA GLU C 13 25.44 6.69 10.70
C GLU C 13 26.06 5.74 11.72
N SER C 14 25.41 4.62 12.03
CA SER C 14 26.04 3.57 12.82
C SER C 14 26.67 2.48 11.97
N LEU C 15 26.50 2.54 10.65
CA LEU C 15 27.09 1.53 9.78
C LEU C 15 28.60 1.41 10.01
N GLU C 16 29.09 0.17 10.01
CA GLU C 16 30.50 -0.18 10.21
C GLU C 16 30.98 0.10 11.62
N GLU C 17 30.08 0.48 12.53
CA GLU C 17 30.39 0.65 13.94
C GLU C 17 29.66 -0.41 14.74
N THR C 18 29.99 -0.51 16.03
CA THR C 18 29.46 -1.58 16.87
C THR C 18 28.16 -1.16 17.54
N VAL C 19 27.19 -2.09 17.56
CA VAL C 19 25.86 -1.88 18.11
C VAL C 19 25.45 -3.13 18.89
N THR C 20 24.45 -2.98 19.73
CA THR C 20 23.84 -4.10 20.45
C THR C 20 22.36 -4.12 20.12
N VAL C 21 21.87 -5.25 19.62
CA VAL C 21 20.46 -5.45 19.34
C VAL C 21 19.86 -6.35 20.41
N ARG C 22 18.78 -5.91 21.02
CA ARG C 22 18.06 -6.71 22.01
C ARG C 22 16.72 -7.15 21.41
N LEU C 23 16.44 -8.45 21.49
CA LEU C 23 15.25 -9.03 20.87
C LEU C 23 14.15 -9.25 21.92
N LYS C 24 12.94 -9.52 21.41
CA LYS C 24 11.79 -9.78 22.29
C LYS C 24 12.01 -11.02 23.16
N ASP C 25 12.69 -12.04 22.65
CA ASP C 25 12.87 -13.25 23.45
C ASP C 25 13.93 -13.08 24.54
N GLY C 26 14.57 -11.92 24.61
CA GLY C 26 15.58 -11.64 25.60
C GLY C 26 17.00 -11.75 25.10
N ASP C 27 17.23 -12.35 23.94
CA ASP C 27 18.60 -12.46 23.41
C ASP C 27 19.14 -11.09 23.00
N GLU C 28 20.45 -10.93 23.16
CA GLU C 28 21.17 -9.73 22.78
C GLU C 28 22.27 -10.07 21.79
N PHE C 29 22.42 -9.26 20.76
CA PHE C 29 23.41 -9.50 19.71
C PHE C 29 24.29 -8.28 19.57
N THR C 30 25.58 -8.43 19.87
CA THR C 30 26.54 -7.36 19.74
C THR C 30 27.47 -7.65 18.57
N GLY C 31 27.82 -6.63 17.82
CA GLY C 31 28.62 -6.81 16.64
C GLY C 31 28.60 -5.54 15.83
N VAL C 32 29.23 -5.62 14.67
CA VAL C 32 29.26 -4.48 13.76
C VAL C 32 28.00 -4.50 12.92
N LEU C 33 27.32 -3.36 12.86
CA LEU C 33 26.16 -3.20 11.99
C LEU C 33 26.67 -3.00 10.57
N THR C 34 26.32 -3.91 9.67
CA THR C 34 26.76 -3.78 8.29
C THR C 34 25.62 -3.53 7.31
N GLY C 35 24.38 -3.57 7.76
CA GLY C 35 23.27 -3.20 6.90
C GLY C 35 21.94 -3.25 7.64
N TYR C 36 20.94 -2.65 7.02
CA TYR C 36 19.60 -2.52 7.59
C TYR C 36 18.67 -2.21 6.44
N ASP C 37 17.36 -2.29 6.68
CA ASP C 37 16.40 -1.94 5.66
C ASP C 37 15.21 -1.25 6.31
N GLN C 38 14.23 -0.91 5.46
CA GLN C 38 13.00 -0.22 5.88
C GLN C 38 12.28 -0.93 7.02
N HIS C 39 12.33 -2.25 7.08
CA HIS C 39 11.65 -2.97 8.15
C HIS C 39 12.43 -3.00 9.46
N MET C 40 13.61 -2.37 9.49
CA MET C 40 14.58 -2.50 10.57
C MET C 40 15.11 -3.94 10.70
N ASN C 41 15.11 -4.71 9.62
CA ASN C 41 15.98 -5.88 9.59
C ASN C 41 17.40 -5.38 9.68
N VAL C 42 18.25 -6.11 10.40
CA VAL C 42 19.64 -5.69 10.60
C VAL C 42 20.59 -6.86 10.32
N VAL C 43 21.78 -6.51 9.85
CA VAL C 43 22.89 -7.43 9.69
C VAL C 43 23.94 -7.11 10.76
N ILE C 44 24.14 -8.03 11.70
CA ILE C 44 25.13 -7.86 12.76
C ILE C 44 26.28 -8.83 12.51
N GLU C 45 27.52 -8.33 12.60
CA GLU C 45 28.71 -9.10 12.30
C GLU C 45 29.55 -9.27 13.57
N GLY C 46 29.61 -10.50 14.07
CA GLY C 46 30.49 -10.86 15.18
C GLY C 46 31.61 -11.77 14.68
N GLU C 47 31.67 -13.02 15.16
CA GLU C 47 32.42 -14.00 14.38
C GLU C 47 31.58 -14.46 13.21
N ASP C 48 30.27 -14.62 13.44
CA ASP C 48 29.31 -15.00 12.42
C ASP C 48 28.58 -13.76 11.91
N THR C 49 28.07 -13.86 10.69
CA THR C 49 27.07 -12.91 10.21
C THR C 49 25.69 -13.33 10.72
N THR C 50 24.96 -12.38 11.28
CA THR C 50 23.63 -12.65 11.81
C THR C 50 22.67 -11.66 11.20
N ILE C 51 21.74 -12.18 10.41
CA ILE C 51 20.60 -11.42 9.93
C ILE C 51 19.50 -11.51 10.98
N ILE C 52 18.97 -10.36 11.41
CA ILE C 52 17.91 -10.32 12.40
C ILE C 52 16.67 -9.73 11.75
N ARG C 53 15.54 -10.42 11.87
CA ARG C 53 14.31 -9.92 11.29
C ARG C 53 13.74 -8.82 12.18
N GLY C 54 13.53 -7.64 11.59
CA GLY C 54 13.04 -6.45 12.28
C GLY C 54 11.96 -6.68 13.31
N ASP C 55 10.95 -7.50 12.99
CA ASP C 55 9.83 -7.67 13.89
C ASP C 55 10.22 -8.23 15.25
N ASN C 56 11.41 -8.80 15.40
CA ASN C 56 11.87 -9.34 16.68
C ASN C 56 12.56 -8.32 17.57
N VAL C 57 12.95 -7.17 17.03
CA VAL C 57 13.78 -6.20 17.75
C VAL C 57 12.95 -5.41 18.75
N VAL C 58 13.47 -5.27 19.96
CA VAL C 58 12.94 -4.29 20.91
C VAL C 58 13.75 -3.00 20.77
N THR C 59 15.03 -3.05 21.11
CA THR C 59 15.91 -1.88 21.06
C THR C 59 17.19 -2.18 20.28
N ILE C 60 17.71 -1.15 19.62
CA ILE C 60 19.05 -1.15 19.08
C ILE C 60 19.82 -0.02 19.76
N LYS C 61 20.95 -0.34 20.39
CA LYS C 61 21.80 0.67 21.00
C LYS C 61 23.08 0.79 20.20
N PRO C 62 23.29 1.88 19.45
CA PRO C 62 24.55 2.12 18.76
C PRO C 62 25.53 2.92 19.64
N GLY D 1 -3.84 -21.29 -15.72
CA GLY D 1 -3.70 -20.30 -14.67
C GLY D 1 -2.56 -20.55 -13.69
N ALA D 2 -2.26 -19.53 -12.89
CA ALA D 2 -1.32 -19.66 -11.78
C ALA D 2 -2.08 -19.92 -10.49
N MET D 3 -1.33 -20.39 -9.49
CA MET D 3 -1.81 -20.59 -8.13
C MET D 3 -2.90 -21.66 -8.01
N SER D 4 -3.18 -22.40 -9.08
CA SER D 4 -4.15 -23.49 -9.01
C SER D 4 -5.54 -22.98 -8.71
N GLY D 5 -6.24 -23.67 -7.82
CA GLY D 5 -7.54 -23.20 -7.36
C GLY D 5 -7.35 -22.34 -6.13
N ARG D 6 -7.26 -21.02 -6.34
CA ARG D 6 -6.90 -20.09 -5.28
C ARG D 6 -7.83 -20.25 -4.08
N PRO D 7 -7.30 -20.16 -2.85
CA PRO D 7 -8.16 -20.28 -1.66
C PRO D 7 -9.38 -19.37 -1.64
N LEU D 8 -9.28 -18.12 -2.11
CA LEU D 8 -10.48 -17.29 -2.09
C LEU D 8 -11.45 -17.72 -3.16
N ASP D 9 -10.94 -18.25 -4.27
CA ASP D 9 -11.82 -18.82 -5.27
C ASP D 9 -12.54 -20.04 -4.74
N VAL D 10 -11.91 -20.83 -3.87
CA VAL D 10 -12.64 -21.93 -3.24
C VAL D 10 -13.77 -21.39 -2.35
N LEU D 11 -13.47 -20.36 -1.56
CA LEU D 11 -14.53 -19.67 -0.80
C LEU D 11 -15.67 -19.23 -1.71
N GLU D 12 -15.35 -18.67 -2.89
CA GLU D 12 -16.42 -18.24 -3.80
C GLU D 12 -17.27 -19.43 -4.23
N GLU D 13 -16.62 -20.54 -4.61
CA GLU D 13 -17.35 -21.76 -4.96
C GLU D 13 -18.09 -22.38 -3.78
N SER D 14 -17.87 -21.90 -2.55
CA SER D 14 -18.59 -22.37 -1.37
C SER D 14 -19.72 -21.45 -0.92
N LEU D 15 -19.95 -20.32 -1.59
CA LEU D 15 -21.04 -19.42 -1.19
C LEU D 15 -22.38 -20.14 -1.25
N GLU D 16 -23.24 -19.85 -0.27
CA GLU D 16 -24.55 -20.50 -0.14
C GLU D 16 -24.42 -22.00 0.10
N GLU D 17 -23.32 -22.43 0.71
CA GLU D 17 -23.11 -23.81 1.10
C GLU D 17 -22.60 -23.84 2.54
N THR D 18 -22.75 -24.99 3.19
CA THR D 18 -22.35 -25.12 4.59
C THR D 18 -20.85 -25.44 4.65
N VAL D 19 -20.13 -24.74 5.53
CA VAL D 19 -18.70 -24.95 5.74
C VAL D 19 -18.46 -25.02 7.24
N THR D 20 -17.26 -25.43 7.60
CA THR D 20 -16.83 -25.44 8.99
C THR D 20 -15.59 -24.57 9.14
N VAL D 21 -15.68 -23.57 10.03
CA VAL D 21 -14.61 -22.62 10.29
C VAL D 21 -14.06 -22.90 11.68
N ARG D 22 -12.75 -23.07 11.77
CA ARG D 22 -12.06 -23.33 13.04
C ARG D 22 -11.18 -22.14 13.40
N LEU D 23 -11.34 -21.64 14.61
CA LEU D 23 -10.68 -20.42 15.07
C LEU D 23 -9.45 -20.72 15.91
N LYS D 24 -8.64 -19.67 16.15
CA LYS D 24 -7.41 -19.84 16.92
C LYS D 24 -7.69 -20.19 18.36
N ASP D 25 -8.78 -19.66 18.94
CA ASP D 25 -9.16 -20.04 20.29
C ASP D 25 -9.75 -21.46 20.38
N GLY D 26 -9.90 -22.17 19.25
CA GLY D 26 -10.38 -23.52 19.26
C GLY D 26 -11.84 -23.69 18.90
N ASP D 27 -12.63 -22.63 18.99
CA ASP D 27 -14.04 -22.71 18.64
C ASP D 27 -14.21 -23.05 17.16
N GLU D 28 -15.32 -23.72 16.84
CA GLU D 28 -15.65 -24.12 15.49
C GLU D 28 -17.00 -23.56 15.13
N PHE D 29 -17.15 -23.07 13.90
CA PHE D 29 -18.43 -22.54 13.44
C PHE D 29 -18.82 -23.25 12.16
N THR D 30 -20.00 -23.86 12.17
CA THR D 30 -20.55 -24.55 11.02
C THR D 30 -21.83 -23.83 10.60
N GLY D 31 -21.98 -23.60 9.32
CA GLY D 31 -23.14 -22.87 8.85
C GLY D 31 -22.93 -22.55 7.39
N VAL D 32 -23.93 -21.85 6.84
CA VAL D 32 -23.89 -21.49 5.44
C VAL D 32 -22.96 -20.31 5.26
N LEU D 33 -21.96 -20.47 4.40
CA LEU D 33 -21.10 -19.35 4.05
C LEU D 33 -21.90 -18.40 3.15
N THR D 34 -22.26 -17.23 3.68
CA THR D 34 -23.02 -16.27 2.89
C THR D 34 -22.19 -15.09 2.39
N GLY D 35 -20.97 -14.92 2.86
CA GLY D 35 -20.10 -13.91 2.30
C GLY D 35 -18.69 -14.02 2.83
N TYR D 36 -17.78 -13.31 2.15
CA TYR D 36 -16.39 -13.25 2.54
C TYR D 36 -15.78 -12.01 1.90
N ASP D 37 -14.62 -11.58 2.40
CA ASP D 37 -13.87 -10.53 1.73
C ASP D 37 -12.41 -10.97 1.60
N GLN D 38 -11.59 -10.05 1.07
CA GLN D 38 -10.20 -10.32 0.76
C GLN D 38 -9.34 -10.59 1.99
N HIS D 39 -9.81 -10.20 3.17
CA HIS D 39 -9.11 -10.55 4.40
C HIS D 39 -9.49 -11.93 4.92
N MET D 40 -10.39 -12.64 4.24
CA MET D 40 -10.95 -13.88 4.75
C MET D 40 -11.77 -13.66 6.02
N ASN D 41 -12.32 -12.46 6.18
CA ASN D 41 -13.53 -12.30 6.98
C ASN D 41 -14.64 -13.13 6.35
N VAL D 42 -15.43 -13.82 7.16
CA VAL D 42 -16.53 -14.62 6.63
C VAL D 42 -17.80 -14.33 7.41
N VAL D 43 -18.93 -14.48 6.72
CA VAL D 43 -20.24 -14.45 7.33
C VAL D 43 -20.76 -15.88 7.29
N ILE D 44 -21.00 -16.46 8.47
CA ILE D 44 -21.50 -17.82 8.61
C ILE D 44 -22.92 -17.77 9.19
N GLU D 45 -23.87 -18.43 8.52
CA GLU D 45 -25.26 -18.46 8.95
C GLU D 45 -25.62 -19.84 9.52
N GLY D 46 -25.81 -19.90 10.84
CA GLY D 46 -26.34 -21.10 11.49
C GLY D 46 -27.80 -20.90 11.85
N GLU D 47 -28.13 -20.89 13.14
CA GLU D 47 -29.46 -20.40 13.51
C GLU D 47 -29.53 -18.88 13.49
N ASP D 48 -28.41 -18.21 13.32
CA ASP D 48 -28.34 -16.76 13.20
C ASP D 48 -27.03 -16.40 12.52
N THR D 49 -26.84 -15.11 12.26
CA THR D 49 -25.67 -14.66 11.52
C THR D 49 -24.46 -14.52 12.43
N THR D 50 -23.31 -14.98 11.95
CA THR D 50 -22.04 -14.76 12.64
C THR D 50 -21.04 -14.18 11.64
N ILE D 51 -20.56 -12.98 11.91
CA ILE D 51 -19.45 -12.42 11.17
C ILE D 51 -18.17 -12.78 11.90
N ILE D 52 -17.21 -13.40 11.20
CA ILE D 52 -15.94 -13.80 11.79
C ILE D 52 -14.82 -12.98 11.16
N ARG D 53 -14.00 -12.37 12.00
CA ARG D 53 -12.87 -11.61 11.49
C ARG D 53 -11.76 -12.57 11.08
N GLY D 54 -11.23 -12.35 9.88
CA GLY D 54 -10.33 -13.33 9.27
C GLY D 54 -9.07 -13.64 10.06
N ASP D 55 -8.53 -12.66 10.78
CA ASP D 55 -7.29 -12.93 11.50
C ASP D 55 -7.48 -13.94 12.64
N ASN D 56 -8.70 -14.38 12.94
CA ASN D 56 -8.90 -15.43 13.92
C ASN D 56 -9.00 -16.81 13.29
N VAL D 57 -9.02 -16.89 11.97
CA VAL D 57 -9.29 -18.15 11.26
C VAL D 57 -8.02 -18.98 11.17
N VAL D 58 -8.12 -20.25 11.55
CA VAL D 58 -7.07 -21.23 11.27
C VAL D 58 -7.41 -21.94 9.95
N THR D 59 -8.51 -22.68 9.92
CA THR D 59 -8.91 -23.40 8.72
C THR D 59 -10.37 -23.15 8.38
N ILE D 60 -10.69 -23.31 7.10
CA ILE D 60 -12.06 -23.40 6.61
C ILE D 60 -12.18 -24.68 5.82
N LYS D 61 -13.17 -25.51 6.15
CA LYS D 61 -13.38 -26.78 5.46
C LYS D 61 -14.73 -26.76 4.78
N PRO D 62 -14.80 -26.58 3.45
CA PRO D 62 -16.09 -26.68 2.76
C PRO D 62 -16.77 -28.06 2.89
N GLY E 1 17.30 -15.04 -12.30
CA GLY E 1 16.97 -13.74 -11.76
C GLY E 1 17.39 -13.57 -10.32
N ALA E 2 16.63 -12.78 -9.56
CA ALA E 2 16.91 -12.58 -8.15
C ALA E 2 16.12 -13.58 -7.30
N MET E 3 16.60 -13.78 -6.07
CA MET E 3 15.92 -14.56 -5.03
C MET E 3 15.96 -16.06 -5.27
N SER E 4 16.69 -16.55 -6.28
CA SER E 4 16.78 -17.99 -6.52
C SER E 4 15.41 -18.58 -6.86
N GLY E 5 15.10 -19.73 -6.26
CA GLY E 5 13.79 -20.33 -6.42
C GLY E 5 12.84 -19.79 -5.36
N ARG E 6 12.00 -18.84 -5.74
CA ARG E 6 11.17 -18.12 -4.77
C ARG E 6 10.25 -19.08 -4.03
N PRO E 7 9.99 -18.84 -2.75
CA PRO E 7 9.08 -19.73 -2.01
C PRO E 7 7.75 -19.94 -2.70
N LEU E 8 7.16 -18.90 -3.27
CA LEU E 8 5.88 -19.08 -3.96
C LEU E 8 6.05 -19.84 -5.27
N ASP E 9 7.20 -19.71 -5.93
CA ASP E 9 7.45 -20.50 -7.14
C ASP E 9 7.63 -21.98 -6.82
N VAL E 10 8.16 -22.31 -5.64
CA VAL E 10 8.24 -23.72 -5.26
C VAL E 10 6.83 -24.28 -5.01
N LEU E 11 5.97 -23.52 -4.36
CA LEU E 11 4.58 -23.94 -4.22
C LEU E 11 3.93 -24.09 -5.59
N GLU E 12 4.30 -23.25 -6.55
CA GLU E 12 3.73 -23.38 -7.89
C GLU E 12 4.09 -24.72 -8.50
N GLU E 13 5.35 -25.15 -8.33
CA GLU E 13 5.74 -26.44 -8.88
C GLU E 13 5.29 -27.62 -8.02
N SER E 14 4.64 -27.40 -6.88
CA SER E 14 4.14 -28.49 -6.06
C SER E 14 2.62 -28.63 -6.13
N LEU E 15 1.97 -27.92 -7.04
CA LEU E 15 0.54 -28.09 -7.24
C LEU E 15 0.28 -29.50 -7.76
N GLU E 16 -0.83 -30.08 -7.30
CA GLU E 16 -1.23 -31.44 -7.64
C GLU E 16 -0.26 -32.48 -7.09
N GLU E 17 0.55 -32.13 -6.10
CA GLU E 17 1.45 -33.07 -5.45
C GLU E 17 1.29 -32.96 -3.94
N THR E 18 1.80 -33.96 -3.22
CA THR E 18 1.57 -34.04 -1.78
C THR E 18 2.57 -33.16 -1.04
N VAL E 19 2.06 -32.39 -0.07
CA VAL E 19 2.86 -31.55 0.79
C VAL E 19 2.39 -31.74 2.22
N THR E 20 3.22 -31.29 3.16
CA THR E 20 2.88 -31.29 4.58
C THR E 20 3.04 -29.87 5.13
N VAL E 21 1.97 -29.34 5.71
CA VAL E 21 1.94 -27.99 6.26
C VAL E 21 1.90 -28.10 7.77
N ARG E 22 2.82 -27.41 8.45
CA ARG E 22 2.85 -27.40 9.90
C ARG E 22 2.42 -26.02 10.41
N LEU E 23 1.59 -26.00 11.44
CA LEU E 23 0.94 -24.80 11.89
C LEU E 23 1.50 -24.36 13.23
N LYS E 24 1.53 -23.03 13.44
CA LYS E 24 2.05 -22.46 14.67
C LYS E 24 1.53 -23.18 15.92
N ASP E 25 0.32 -23.72 15.87
CA ASP E 25 -0.18 -24.48 17.01
C ASP E 25 0.28 -25.94 17.01
N GLY E 26 1.19 -26.33 16.11
CA GLY E 26 1.76 -27.66 16.13
C GLY E 26 1.07 -28.69 15.27
N ASP E 27 -0.13 -28.40 14.74
CA ASP E 27 -0.81 -29.37 13.91
C ASP E 27 -0.15 -29.46 12.54
N GLU E 28 -0.17 -30.65 11.95
CA GLU E 28 0.30 -30.87 10.60
C GLU E 28 -0.85 -31.32 9.71
N PHE E 29 -0.80 -30.88 8.46
CA PHE E 29 -1.80 -31.21 7.46
C PHE E 29 -1.07 -31.74 6.24
N THR E 30 -1.43 -32.93 5.81
CA THR E 30 -0.79 -33.58 4.67
C THR E 30 -1.86 -33.82 3.62
N GLY E 31 -1.50 -33.61 2.36
CA GLY E 31 -2.46 -33.75 1.30
C GLY E 31 -1.89 -33.12 0.04
N VAL E 32 -2.66 -33.21 -1.01
CA VAL E 32 -2.31 -32.59 -2.27
C VAL E 32 -2.55 -31.08 -2.17
N LEU E 33 -1.54 -30.30 -2.52
CA LEU E 33 -1.69 -28.86 -2.68
C LEU E 33 -2.44 -28.59 -3.97
N THR E 34 -3.63 -28.01 -3.88
CA THR E 34 -4.41 -27.67 -5.06
C THR E 34 -4.56 -26.17 -5.30
N GLY E 35 -4.10 -25.33 -4.39
CA GLY E 35 -4.06 -23.89 -4.63
C GLY E 35 -3.31 -23.17 -3.53
N TYR E 36 -2.96 -21.91 -3.82
CA TYR E 36 -2.30 -21.05 -2.86
C TYR E 36 -2.46 -19.61 -3.35
N ASP E 37 -2.13 -18.64 -2.49
CA ASP E 37 -2.11 -17.25 -2.91
C ASP E 37 -0.91 -16.54 -2.29
N GLN E 38 -0.81 -15.23 -2.56
CA GLN E 38 0.36 -14.45 -2.15
C GLN E 38 0.48 -14.29 -0.64
N HIS E 39 -0.59 -14.49 0.12
CA HIS E 39 -0.47 -14.57 1.57
C HIS E 39 0.06 -15.92 2.06
N MET E 40 0.25 -16.87 1.15
CA MET E 40 0.52 -18.27 1.47
C MET E 40 -0.66 -18.92 2.20
N ASN E 41 -1.89 -18.47 1.93
CA ASN E 41 -3.02 -19.35 2.17
C ASN E 41 -2.87 -20.54 1.23
N VAL E 42 -3.27 -21.73 1.69
CA VAL E 42 -3.16 -22.91 0.85
C VAL E 42 -4.46 -23.70 0.91
N VAL E 43 -4.67 -24.49 -0.14
CA VAL E 43 -5.76 -25.46 -0.18
C VAL E 43 -5.13 -26.85 -0.21
N ILE E 44 -5.42 -27.63 0.83
CA ILE E 44 -4.91 -28.99 1.00
C ILE E 44 -6.08 -29.97 0.88
N GLU E 45 -5.93 -30.95 -0.02
CA GLU E 45 -6.96 -31.93 -0.32
C GLU E 45 -6.41 -33.34 -0.04
N GLY E 46 -6.86 -33.95 1.06
CA GLY E 46 -6.62 -35.36 1.30
C GLY E 46 -7.91 -36.17 1.22
N GLU E 47 -8.45 -36.58 2.36
CA GLU E 47 -9.81 -37.09 2.40
C GLU E 47 -10.83 -35.96 2.44
N ASP E 48 -10.45 -34.81 2.99
CA ASP E 48 -11.22 -33.58 3.11
C ASP E 48 -10.58 -32.51 2.24
N THR E 49 -11.25 -31.35 2.17
CA THR E 49 -10.65 -30.12 1.64
C THR E 49 -10.45 -29.13 2.78
N THR E 50 -9.23 -28.62 2.92
CA THR E 50 -8.93 -27.66 3.98
C THR E 50 -8.28 -26.42 3.38
N ILE E 51 -8.91 -25.26 3.58
CA ILE E 51 -8.27 -23.97 3.38
C ILE E 51 -7.54 -23.60 4.66
N ILE E 52 -6.25 -23.30 4.54
CA ILE E 52 -5.41 -22.94 5.67
C ILE E 52 -4.98 -21.49 5.50
N ARG E 53 -5.28 -20.66 6.50
CA ARG E 53 -4.93 -19.25 6.42
C ARG E 53 -3.43 -19.07 6.66
N GLY E 54 -2.76 -18.38 5.72
CA GLY E 54 -1.31 -18.38 5.67
C GLY E 54 -0.62 -17.93 6.95
N ASP E 55 -1.23 -17.03 7.71
CA ASP E 55 -0.57 -16.52 8.90
C ASP E 55 -0.41 -17.59 9.99
N ASN E 56 -1.07 -18.74 9.87
CA ASN E 56 -0.88 -19.84 10.80
C ASN E 56 0.29 -20.74 10.44
N VAL E 57 0.80 -20.63 9.21
CA VAL E 57 1.79 -21.57 8.68
C VAL E 57 3.17 -21.27 9.22
N VAL E 58 3.85 -22.29 9.74
CA VAL E 58 5.28 -22.18 10.04
C VAL E 58 6.10 -22.68 8.86
N THR E 59 5.92 -23.95 8.48
CA THR E 59 6.67 -24.55 7.38
C THR E 59 5.74 -25.28 6.42
N ILE E 60 6.17 -25.39 5.17
CA ILE E 60 5.56 -26.27 4.18
C ILE E 60 6.66 -27.15 3.61
N LYS E 61 6.48 -28.46 3.71
CA LYS E 61 7.46 -29.39 3.14
C LYS E 61 6.89 -29.97 1.86
N PRO E 62 7.26 -29.46 0.68
CA PRO E 62 6.82 -30.04 -0.60
C PRO E 62 7.58 -31.32 -0.95
N GLY F 1 26.28 3.34 -1.60
CA GLY F 1 24.90 3.76 -1.43
C GLY F 1 24.41 3.68 0.00
N ALA F 2 23.11 3.76 0.19
CA ALA F 2 22.51 3.75 1.52
C ALA F 2 22.30 2.32 2.02
N MET F 3 22.13 2.21 3.34
CA MET F 3 21.75 1.00 4.06
C MET F 3 22.80 -0.10 4.03
N SER F 4 24.01 0.19 3.55
CA SER F 4 25.09 -0.80 3.58
C SER F 4 24.73 -2.11 2.89
N GLY F 5 25.12 -3.22 3.50
CA GLY F 5 24.77 -4.51 2.97
C GLY F 5 23.37 -4.88 3.40
N ARG F 6 22.36 -4.55 2.58
CA ARG F 6 20.96 -4.74 2.97
C ARG F 6 20.73 -6.19 3.37
N PRO F 7 19.92 -6.43 4.39
CA PRO F 7 19.62 -7.83 4.79
C PRO F 7 19.23 -8.75 3.63
N LEU F 8 18.29 -8.32 2.77
CA LEU F 8 17.93 -9.20 1.65
C LEU F 8 19.08 -9.36 0.68
N ASP F 9 19.94 -8.35 0.56
CA ASP F 9 21.08 -8.49 -0.36
C ASP F 9 22.07 -9.51 0.17
N VAL F 10 22.24 -9.57 1.49
CA VAL F 10 23.05 -10.62 2.08
C VAL F 10 22.42 -11.97 1.84
N LEU F 11 21.09 -12.05 1.85
CA LEU F 11 20.41 -13.29 1.46
C LEU F 11 20.74 -13.64 0.02
N GLU F 12 20.59 -12.67 -0.89
CA GLU F 12 20.95 -12.90 -2.28
C GLU F 12 22.35 -13.51 -2.40
N GLU F 13 23.33 -12.93 -1.71
CA GLU F 13 24.71 -13.42 -1.74
C GLU F 13 24.89 -14.70 -0.95
N SER F 14 23.90 -15.14 -0.18
CA SER F 14 24.00 -16.40 0.54
C SER F 14 23.33 -17.55 -0.21
N LEU F 15 22.82 -17.29 -1.42
CA LEU F 15 22.15 -18.35 -2.17
C LEU F 15 23.14 -19.47 -2.50
N GLU F 16 22.67 -20.71 -2.39
CA GLU F 16 23.40 -21.95 -2.63
C GLU F 16 24.49 -22.17 -1.59
N GLU F 17 24.50 -21.40 -0.52
CA GLU F 17 25.37 -21.63 0.62
C GLU F 17 24.55 -22.23 1.76
N THR F 18 25.24 -22.82 2.73
CA THR F 18 24.59 -23.35 3.91
C THR F 18 24.25 -22.19 4.86
N VAL F 19 23.04 -22.19 5.41
CA VAL F 19 22.61 -21.19 6.36
C VAL F 19 21.92 -21.91 7.51
N THR F 20 21.80 -21.22 8.63
CA THR F 20 20.98 -21.69 9.75
C THR F 20 19.89 -20.67 10.04
N VAL F 21 18.65 -21.15 10.12
CA VAL F 21 17.47 -20.32 10.34
C VAL F 21 16.85 -20.72 11.67
N ARG F 22 16.73 -19.76 12.58
CA ARG F 22 16.16 -20.00 13.89
C ARG F 22 14.77 -19.38 13.95
N LEU F 23 13.80 -20.13 14.46
CA LEU F 23 12.41 -19.70 14.48
C LEU F 23 12.00 -19.19 15.87
N LYS F 24 10.85 -18.52 15.93
CA LYS F 24 10.35 -18.00 17.19
C LYS F 24 10.10 -19.13 18.19
N ASP F 25 9.66 -20.28 17.70
CA ASP F 25 9.41 -21.42 18.58
C ASP F 25 10.69 -22.12 19.02
N GLY F 26 11.87 -21.58 18.68
CA GLY F 26 13.12 -22.15 19.10
C GLY F 26 13.71 -23.21 18.18
N ASP F 27 12.96 -23.73 17.23
CA ASP F 27 13.52 -24.70 16.29
C ASP F 27 14.54 -24.01 15.38
N GLU F 28 15.47 -24.81 14.85
CA GLU F 28 16.45 -24.34 13.89
C GLU F 28 16.46 -25.26 12.68
N PHE F 29 16.74 -24.69 11.51
CA PHE F 29 16.82 -25.45 10.27
C PHE F 29 18.12 -25.10 9.61
N THR F 30 18.92 -26.13 9.30
CA THR F 30 20.18 -25.92 8.59
C THR F 30 20.12 -26.59 7.24
N GLY F 31 20.60 -25.90 6.21
CA GLY F 31 20.55 -26.42 4.87
C GLY F 31 20.97 -25.35 3.89
N VAL F 32 20.86 -25.70 2.62
CA VAL F 32 21.26 -24.80 1.54
C VAL F 32 20.12 -23.83 1.27
N LEU F 33 20.44 -22.55 1.23
CA LEU F 33 19.46 -21.51 0.88
C LEU F 33 19.27 -21.53 -0.64
N THR F 34 18.10 -21.97 -1.08
CA THR F 34 17.81 -21.99 -2.52
C THR F 34 16.82 -20.92 -2.95
N GLY F 35 16.08 -20.31 -2.03
CA GLY F 35 15.25 -19.20 -2.41
C GLY F 35 14.84 -18.36 -1.22
N TYR F 36 14.37 -17.15 -1.53
CA TYR F 36 13.82 -16.25 -0.52
C TYR F 36 12.94 -15.25 -1.26
N ASP F 37 12.13 -14.50 -0.50
CA ASP F 37 11.36 -13.41 -1.10
C ASP F 37 11.35 -12.19 -0.17
N GLN F 38 10.67 -11.14 -0.60
CA GLN F 38 10.70 -9.87 0.12
C GLN F 38 10.06 -9.93 1.50
N HIS F 39 9.32 -10.99 1.83
CA HIS F 39 8.83 -11.19 3.19
C HIS F 39 9.84 -11.90 4.07
N MET F 40 11.00 -12.26 3.53
CA MET F 40 11.95 -13.14 4.18
C MET F 40 11.40 -14.55 4.40
N ASN F 41 10.38 -14.94 3.62
CA ASN F 41 10.17 -16.36 3.37
C ASN F 41 11.45 -16.93 2.78
N VAL F 42 11.85 -18.12 3.22
CA VAL F 42 13.05 -18.75 2.69
C VAL F 42 12.79 -20.21 2.38
N VAL F 43 13.53 -20.73 1.39
CA VAL F 43 13.54 -22.15 1.05
C VAL F 43 14.90 -22.72 1.46
N ILE F 44 14.85 -23.74 2.30
CA ILE F 44 16.06 -24.38 2.84
C ILE F 44 16.04 -25.84 2.38
N GLU F 45 17.12 -26.26 1.72
CA GLU F 45 17.24 -27.62 1.22
C GLU F 45 18.14 -28.39 2.20
N GLY F 46 17.54 -29.34 2.92
CA GLY F 46 18.29 -30.23 3.78
C GLY F 46 18.29 -31.64 3.23
N GLU F 47 17.83 -32.62 4.02
CA GLU F 47 17.51 -33.91 3.45
C GLU F 47 16.37 -33.79 2.44
N ASP F 48 15.40 -32.92 2.74
CA ASP F 48 14.37 -32.54 1.78
C ASP F 48 14.15 -31.04 1.86
N THR F 49 13.17 -30.56 1.10
CA THR F 49 12.91 -29.13 0.95
C THR F 49 12.00 -28.61 2.07
N THR F 50 12.35 -27.45 2.60
CA THR F 50 11.53 -26.74 3.57
C THR F 50 11.32 -25.31 3.12
N ILE F 51 10.05 -24.89 3.08
CA ILE F 51 9.68 -23.49 2.93
C ILE F 51 9.31 -22.97 4.31
N ILE F 52 9.97 -21.90 4.74
CA ILE F 52 9.69 -21.29 6.04
C ILE F 52 9.01 -19.95 5.83
N ARG F 53 7.86 -19.76 6.46
CA ARG F 53 7.17 -18.47 6.39
C ARG F 53 7.96 -17.44 7.20
N GLY F 54 8.31 -16.32 6.54
CA GLY F 54 9.24 -15.36 7.13
C GLY F 54 8.83 -14.85 8.50
N ASP F 55 7.52 -14.69 8.74
CA ASP F 55 7.05 -14.13 10.01
C ASP F 55 7.41 -14.99 11.21
N ASN F 56 7.89 -16.21 11.01
CA ASN F 56 8.39 -17.05 12.09
C ASN F 56 9.87 -16.88 12.35
N VAL F 57 10.59 -16.19 11.46
CA VAL F 57 12.04 -16.14 11.51
C VAL F 57 12.47 -15.20 12.63
N VAL F 58 13.44 -15.63 13.44
CA VAL F 58 14.11 -14.73 14.37
C VAL F 58 15.43 -14.27 13.76
N THR F 59 16.34 -15.22 13.50
CA THR F 59 17.63 -14.88 12.89
C THR F 59 17.94 -15.83 11.76
N ILE F 60 18.68 -15.33 10.77
CA ILE F 60 19.31 -16.16 9.76
C ILE F 60 20.81 -15.95 9.83
N LYS F 61 21.56 -17.04 9.94
CA LYS F 61 23.01 -16.97 9.96
C LYS F 61 23.58 -17.59 8.69
N PRO F 62 24.03 -16.78 7.72
CA PRO F 62 24.74 -17.27 6.54
C PRO F 62 26.23 -17.51 6.85
N GLY G 1 -24.77 8.56 4.12
CA GLY G 1 -23.63 7.90 3.51
C GLY G 1 -23.39 6.52 4.09
N ALA G 2 -22.31 5.88 3.68
CA ALA G 2 -22.03 4.56 4.20
C ALA G 2 -21.38 4.64 5.59
N MET G 3 -21.45 3.53 6.31
CA MET G 3 -20.74 3.27 7.56
C MET G 3 -21.27 4.03 8.77
N SER G 4 -22.42 4.72 8.66
CA SER G 4 -22.98 5.36 9.85
C SER G 4 -22.04 6.39 10.44
N GLY G 5 -21.96 6.42 11.76
CA GLY G 5 -20.97 7.28 12.39
C GLY G 5 -19.63 6.59 12.56
N ARG G 6 -18.70 6.83 11.62
CA ARG G 6 -17.42 6.13 11.59
C ARG G 6 -16.71 6.23 12.95
N PRO G 7 -16.00 5.18 13.38
CA PRO G 7 -15.24 5.27 14.64
C PRO G 7 -14.31 6.46 14.73
N LEU G 8 -13.57 6.76 13.65
CA LEU G 8 -12.69 7.91 13.70
C LEU G 8 -13.48 9.22 13.76
N ASP G 9 -14.65 9.26 13.14
CA ASP G 9 -15.49 10.45 13.23
C ASP G 9 -16.04 10.64 14.65
N VAL G 10 -16.34 9.55 15.36
CA VAL G 10 -16.68 9.69 16.78
C VAL G 10 -15.50 10.29 17.54
N LEU G 11 -14.27 9.88 17.18
CA LEU G 11 -13.08 10.47 17.81
C LEU G 11 -13.00 11.96 17.51
N GLU G 12 -13.16 12.36 16.24
CA GLU G 12 -13.12 13.78 15.90
C GLU G 12 -14.09 14.57 16.76
N GLU G 13 -15.34 14.08 16.89
CA GLU G 13 -16.36 14.71 17.72
C GLU G 13 -16.03 14.70 19.20
N SER G 14 -15.06 13.92 19.64
CA SER G 14 -14.64 13.87 21.04
C SER G 14 -13.42 14.73 21.36
N LEU G 15 -12.85 15.44 20.39
CA LEU G 15 -11.71 16.31 20.69
C LEU G 15 -12.10 17.39 21.69
N GLU G 16 -11.19 17.66 22.63
CA GLU G 16 -11.41 18.61 23.72
C GLU G 16 -12.51 18.16 24.67
N GLU G 17 -12.84 16.88 24.65
CA GLU G 17 -13.76 16.30 25.60
C GLU G 17 -13.05 15.16 26.31
N THR G 18 -13.49 14.88 27.53
CA THR G 18 -12.90 13.80 28.29
C THR G 18 -13.40 12.45 27.76
N VAL G 19 -12.47 11.49 27.62
CA VAL G 19 -12.78 10.12 27.19
C VAL G 19 -12.02 9.16 28.10
N THR G 20 -12.24 7.87 27.91
CA THR G 20 -11.55 6.82 28.67
C THR G 20 -11.09 5.72 27.73
N VAL G 21 -9.78 5.48 27.71
CA VAL G 21 -9.16 4.47 26.85
C VAL G 21 -8.78 3.26 27.71
N ARG G 22 -9.16 2.06 27.25
CA ARG G 22 -8.74 0.83 27.91
C ARG G 22 -7.77 0.04 27.04
N LEU G 23 -6.68 -0.43 27.62
CA LEU G 23 -5.61 -1.09 26.88
C LEU G 23 -5.66 -2.61 27.05
N LYS G 24 -4.94 -3.32 26.17
CA LYS G 24 -4.91 -4.77 26.24
C LYS G 24 -4.36 -5.27 27.56
N ASP G 25 -3.42 -4.55 28.15
CA ASP G 25 -2.85 -4.95 29.44
C ASP G 25 -3.76 -4.60 30.62
N GLY G 26 -4.95 -4.07 30.37
CA GLY G 26 -5.89 -3.77 31.43
C GLY G 26 -5.87 -2.35 31.95
N ASP G 27 -4.86 -1.56 31.60
CA ASP G 27 -4.77 -0.19 32.09
C ASP G 27 -5.84 0.69 31.45
N GLU G 28 -6.24 1.74 32.19
CA GLU G 28 -7.25 2.67 31.73
C GLU G 28 -6.73 4.08 31.89
N PHE G 29 -6.96 4.90 30.86
CA PHE G 29 -6.50 6.27 30.84
C PHE G 29 -7.71 7.16 30.64
N THR G 30 -7.92 8.09 31.57
CA THR G 30 -9.01 9.04 31.47
C THR G 30 -8.44 10.44 31.38
N GLY G 31 -8.91 11.19 30.41
CA GLY G 31 -8.43 12.54 30.23
C GLY G 31 -9.01 13.12 28.96
N VAL G 32 -8.56 14.31 28.62
CA VAL G 32 -9.11 15.03 27.49
C VAL G 32 -8.49 14.47 26.21
N LEU G 33 -9.33 14.12 25.25
CA LEU G 33 -8.83 13.71 23.96
C LEU G 33 -8.37 14.96 23.22
N THR G 34 -7.05 15.12 23.04
CA THR G 34 -6.50 16.27 22.33
C THR G 34 -6.00 15.96 20.93
N GLY G 35 -5.81 14.69 20.59
CA GLY G 35 -5.41 14.33 19.24
C GLY G 35 -5.59 12.85 19.00
N TYR G 36 -5.59 12.49 17.72
CA TYR G 36 -5.66 11.10 17.32
C TYR G 36 -5.19 11.03 15.88
N ASP G 37 -4.89 9.80 15.41
CA ASP G 37 -4.59 9.63 14.00
C ASP G 37 -5.32 8.39 13.46
N GLN G 38 -5.05 8.07 12.19
CA GLN G 38 -5.69 7.00 11.46
C GLN G 38 -5.32 5.61 11.97
N HIS G 39 -4.28 5.46 12.79
CA HIS G 39 -4.00 4.19 13.43
C HIS G 39 -4.76 4.01 14.71
N MET G 40 -5.54 5.03 15.09
CA MET G 40 -6.12 5.15 16.42
C MET G 40 -5.05 5.32 17.50
N ASN G 41 -3.88 5.86 17.14
CA ASN G 41 -3.06 6.51 18.15
C ASN G 41 -3.86 7.67 18.73
N VAL G 42 -3.69 7.93 20.03
CA VAL G 42 -4.44 8.98 20.69
C VAL G 42 -3.54 9.72 21.64
N VAL G 43 -3.88 10.97 21.91
CA VAL G 43 -3.23 11.80 22.91
C VAL G 43 -4.27 12.14 23.96
N ILE G 44 -4.04 11.73 25.20
CA ILE G 44 -4.98 11.88 26.30
C ILE G 44 -4.35 12.80 27.34
N GLU G 45 -5.02 13.88 27.67
CA GLU G 45 -4.50 14.89 28.59
C GLU G 45 -5.18 14.74 29.95
N GLY G 46 -4.44 14.17 30.91
CA GLY G 46 -4.84 14.14 32.30
C GLY G 46 -4.02 15.11 33.12
N GLU G 47 -3.43 14.65 34.22
CA GLU G 47 -2.43 15.46 34.91
C GLU G 47 -1.24 15.73 34.00
N ASP G 48 -0.87 14.74 33.19
CA ASP G 48 0.17 14.84 32.17
C ASP G 48 -0.40 14.52 30.80
N THR G 49 0.39 14.82 29.78
CA THR G 49 0.13 14.33 28.42
C THR G 49 0.57 12.87 28.28
N THR G 50 -0.31 12.04 27.75
CA THR G 50 0.03 10.66 27.41
C THR G 50 -0.27 10.43 25.95
N ILE G 51 0.72 9.97 25.19
CA ILE G 51 0.49 9.40 23.87
C ILE G 51 0.33 7.90 24.03
N ILE G 52 -0.73 7.37 23.43
CA ILE G 52 -1.02 5.94 23.48
C ILE G 52 -0.94 5.41 22.05
N ARG G 53 -0.16 4.35 21.85
CA ARG G 53 -0.12 3.74 20.54
C ARG G 53 -1.40 2.93 20.30
N GLY G 54 -1.95 3.05 19.08
CA GLY G 54 -3.27 2.49 18.80
C GLY G 54 -3.35 0.99 19.07
N ASP G 55 -2.35 0.22 18.61
CA ASP G 55 -2.47 -1.23 18.64
C ASP G 55 -2.53 -1.80 20.05
N ASN G 56 -2.36 -0.98 21.10
CA ASN G 56 -2.63 -1.44 22.47
C ASN G 56 -4.07 -1.21 22.90
N VAL G 57 -4.85 -0.46 22.13
CA VAL G 57 -6.18 -0.03 22.55
C VAL G 57 -7.17 -1.16 22.34
N VAL G 58 -8.07 -1.34 23.31
CA VAL G 58 -9.20 -2.23 23.15
C VAL G 58 -10.43 -1.39 22.84
N THR G 59 -10.79 -0.51 23.77
CA THR G 59 -11.96 0.34 23.62
C THR G 59 -11.64 1.78 24.01
N ILE G 60 -12.41 2.69 23.45
CA ILE G 60 -12.44 4.09 23.87
C ILE G 60 -13.89 4.42 24.16
N LYS G 61 -14.15 4.92 25.37
CA LYS G 61 -15.50 5.32 25.77
C LYS G 61 -15.58 6.83 25.96
N PRO G 62 -16.19 7.57 25.01
CA PRO G 62 -16.27 9.02 25.27
C PRO G 62 -17.23 9.35 26.44
N GLY H 1 -18.09 14.74 12.42
CA GLY H 1 -16.77 14.19 12.22
C GLY H 1 -15.93 15.02 11.26
N ALA H 2 -14.80 14.47 10.83
CA ALA H 2 -13.99 15.20 9.87
C ALA H 2 -14.55 15.02 8.46
N MET H 3 -14.21 15.98 7.59
CA MET H 3 -14.40 15.96 6.14
C MET H 3 -15.82 16.25 5.66
N SER H 4 -16.72 16.72 6.52
CA SER H 4 -18.04 17.13 6.06
C SER H 4 -18.79 15.98 5.41
N GLY H 5 -19.51 16.29 4.33
CA GLY H 5 -20.13 15.25 3.52
C GLY H 5 -19.16 14.66 2.51
N ARG H 6 -18.54 13.52 2.84
CA ARG H 6 -17.48 12.97 2.01
C ARG H 6 -18.00 12.71 0.60
N PRO H 7 -17.20 13.00 -0.43
CA PRO H 7 -17.63 12.71 -1.81
C PRO H 7 -18.26 11.35 -2.00
N LEU H 8 -17.66 10.29 -1.47
CA LEU H 8 -18.25 8.97 -1.63
C LEU H 8 -19.55 8.84 -0.84
N ASP H 9 -19.67 9.56 0.28
CA ASP H 9 -20.93 9.53 1.01
C ASP H 9 -22.03 10.20 0.21
N VAL H 10 -21.70 11.28 -0.49
CA VAL H 10 -22.69 11.91 -1.36
C VAL H 10 -23.08 10.94 -2.48
N LEU H 11 -22.12 10.17 -2.99
CA LEU H 11 -22.47 9.18 -4.01
C LEU H 11 -23.35 8.09 -3.44
N GLU H 12 -23.06 7.62 -2.22
CA GLU H 12 -23.97 6.68 -1.56
C GLU H 12 -25.39 7.23 -1.49
N GLU H 13 -25.56 8.52 -1.18
CA GLU H 13 -26.90 9.10 -1.10
C GLU H 13 -27.49 9.44 -2.46
N SER H 14 -26.72 9.35 -3.54
CA SER H 14 -27.27 9.51 -4.88
C SER H 14 -27.67 8.20 -5.53
N LEU H 15 -27.50 7.07 -4.86
CA LEU H 15 -27.88 5.78 -5.43
C LEU H 15 -29.37 5.76 -5.77
N GLU H 16 -29.69 5.31 -6.98
CA GLU H 16 -31.04 5.25 -7.54
C GLU H 16 -31.59 6.62 -7.92
N GLU H 17 -30.78 7.67 -7.93
CA GLU H 17 -31.16 8.95 -8.50
C GLU H 17 -30.42 9.15 -9.82
N THR H 18 -30.92 10.11 -10.60
CA THR H 18 -30.23 10.55 -11.81
C THR H 18 -29.00 11.37 -11.47
N VAL H 19 -27.92 11.14 -12.22
CA VAL H 19 -26.69 11.91 -12.09
C VAL H 19 -26.12 12.17 -13.48
N THR H 20 -25.23 13.15 -13.56
CA THR H 20 -24.52 13.45 -14.79
C THR H 20 -23.02 13.35 -14.52
N VAL H 21 -22.34 12.54 -15.32
CA VAL H 21 -20.92 12.25 -15.17
C VAL H 21 -20.22 12.84 -16.38
N ARG H 22 -19.32 13.79 -16.15
CA ARG H 22 -18.54 14.41 -17.22
C ARG H 22 -17.13 13.83 -17.21
N LEU H 23 -16.68 13.37 -18.37
CA LEU H 23 -15.38 12.70 -18.51
C LEU H 23 -14.31 13.67 -19.01
N LYS H 24 -13.05 13.22 -18.96
CA LYS H 24 -11.92 14.06 -19.36
C LYS H 24 -11.94 14.36 -20.86
N ASP H 25 -12.39 13.41 -21.68
CA ASP H 25 -12.51 13.63 -23.12
C ASP H 25 -13.65 14.59 -23.49
N GLY H 26 -14.45 15.06 -22.52
CA GLY H 26 -15.56 15.94 -22.80
C GLY H 26 -16.93 15.28 -22.84
N ASP H 27 -17.00 13.95 -23.01
CA ASP H 27 -18.30 13.29 -23.03
C ASP H 27 -18.98 13.39 -21.66
N GLU H 28 -20.32 13.37 -21.69
CA GLU H 28 -21.16 13.37 -20.50
C GLU H 28 -22.11 12.18 -20.54
N PHE H 29 -22.32 11.54 -19.40
CA PHE H 29 -23.26 10.44 -19.29
C PHE H 29 -24.29 10.77 -18.22
N THR H 30 -25.57 10.69 -18.58
CA THR H 30 -26.67 10.94 -17.66
C THR H 30 -27.46 9.65 -17.48
N GLY H 31 -27.89 9.41 -16.25
CA GLY H 31 -28.73 8.27 -15.96
C GLY H 31 -28.72 8.01 -14.47
N VAL H 32 -29.33 6.89 -14.11
CA VAL H 32 -29.50 6.55 -12.71
C VAL H 32 -28.23 5.89 -12.20
N LEU H 33 -27.70 6.40 -11.09
CA LEU H 33 -26.57 5.79 -10.40
C LEU H 33 -27.04 4.54 -9.66
N THR H 34 -26.48 3.39 -10.06
CA THR H 34 -26.83 2.12 -9.47
C THR H 34 -25.68 1.48 -8.69
N GLY H 35 -24.48 2.03 -8.78
CA GLY H 35 -23.36 1.54 -7.98
C GLY H 35 -22.14 2.40 -8.20
N TYR H 36 -21.22 2.30 -7.25
CA TYR H 36 -19.92 2.97 -7.33
C TYR H 36 -18.94 2.19 -6.45
N ASP H 37 -17.67 2.59 -6.50
CA ASP H 37 -16.69 2.04 -5.57
C ASP H 37 -15.70 3.13 -5.17
N GLN H 38 -14.72 2.74 -4.34
CA GLN H 38 -13.74 3.65 -3.75
C GLN H 38 -12.82 4.32 -4.77
N HIS H 39 -12.74 3.82 -6.01
CA HIS H 39 -12.03 4.50 -7.08
C HIS H 39 -12.90 5.50 -7.83
N MET H 40 -14.18 5.59 -7.49
CA MET H 40 -15.17 6.37 -8.24
C MET H 40 -15.42 5.82 -9.63
N ASN H 41 -15.16 4.53 -9.86
CA ASN H 41 -15.88 3.81 -10.89
C ASN H 41 -17.38 3.93 -10.60
N VAL H 42 -18.18 4.22 -11.64
CA VAL H 42 -19.62 4.31 -11.45
C VAL H 42 -20.34 3.45 -12.46
N VAL H 43 -21.54 3.03 -12.08
CA VAL H 43 -22.50 2.37 -12.98
C VAL H 43 -23.66 3.34 -13.19
N ILE H 44 -23.90 3.69 -14.45
CA ILE H 44 -24.94 4.64 -14.82
C ILE H 44 -25.94 3.89 -15.69
N GLU H 45 -27.21 3.88 -15.27
CA GLU H 45 -28.26 3.19 -16.01
C GLU H 45 -29.13 4.22 -16.71
N GLY H 46 -29.05 4.25 -18.04
CA GLY H 46 -29.98 5.00 -18.86
C GLY H 46 -30.85 4.02 -19.63
N GLU H 47 -30.84 4.11 -20.96
CA GLU H 47 -31.41 3.04 -21.77
C GLU H 47 -30.77 1.69 -21.42
N ASP H 48 -29.45 1.65 -21.37
CA ASP H 48 -28.71 0.45 -20.99
C ASP H 48 -27.75 0.76 -19.85
N THR H 49 -26.88 -0.18 -19.52
CA THR H 49 -25.93 -0.04 -18.43
C THR H 49 -24.57 0.41 -18.96
N THR H 50 -23.99 1.42 -18.30
CA THR H 50 -22.65 1.89 -18.60
C THR H 50 -21.84 1.84 -17.32
N ILE H 51 -20.73 1.12 -17.35
CA ILE H 51 -19.70 1.22 -16.33
C ILE H 51 -18.69 2.24 -16.80
N ILE H 52 -18.38 3.22 -15.95
CA ILE H 52 -17.40 4.26 -16.26
C ILE H 52 -16.22 4.10 -15.32
N ARG H 53 -15.03 4.00 -15.88
CA ARG H 53 -13.84 3.88 -15.07
C ARG H 53 -13.49 5.25 -14.47
N GLY H 54 -13.32 5.29 -13.14
CA GLY H 54 -13.24 6.55 -12.43
C GLY H 54 -12.14 7.49 -12.91
N ASP H 55 -10.98 6.96 -13.29
CA ASP H 55 -9.90 7.85 -13.71
C ASP H 55 -10.26 8.70 -14.91
N ASN H 56 -11.40 8.44 -15.57
CA ASN H 56 -11.89 9.32 -16.63
C ASN H 56 -12.78 10.44 -16.13
N VAL H 57 -13.25 10.37 -14.88
CA VAL H 57 -14.25 11.29 -14.37
C VAL H 57 -13.62 12.64 -14.04
N VAL H 58 -14.19 13.72 -14.57
CA VAL H 58 -13.91 15.06 -14.08
C VAL H 58 -14.86 15.39 -12.94
N THR H 59 -16.17 15.42 -13.21
CA THR H 59 -17.17 15.77 -12.21
C THR H 59 -18.34 14.79 -12.26
N ILE H 60 -19.01 14.67 -11.13
CA ILE H 60 -20.29 13.98 -11.05
C ILE H 60 -21.27 14.96 -10.44
N LYS H 61 -22.36 15.23 -11.12
CA LYS H 61 -23.36 16.17 -10.63
C LYS H 61 -24.63 15.43 -10.27
N PRO H 62 -24.87 15.16 -8.98
CA PRO H 62 -26.07 14.49 -8.50
C PRO H 62 -27.20 15.50 -8.21
N GLY I 1 -14.75 -19.96 -9.29
CA GLY I 1 -14.23 -18.83 -8.53
C GLY I 1 -14.69 -17.50 -9.09
N ALA I 2 -14.21 -16.41 -8.50
CA ALA I 2 -14.55 -15.08 -9.01
C ALA I 2 -13.68 -14.73 -10.20
N MET I 3 -14.16 -13.77 -10.99
CA MET I 3 -13.41 -13.08 -12.03
C MET I 3 -13.15 -13.94 -13.26
N SER I 4 -13.73 -15.13 -13.35
CA SER I 4 -13.55 -15.91 -14.57
C SER I 4 -12.10 -16.30 -14.76
N GLY I 5 -11.65 -16.29 -16.02
CA GLY I 5 -10.24 -16.43 -16.31
C GLY I 5 -9.56 -15.07 -16.27
N ARG I 6 -8.78 -14.82 -15.20
CA ARG I 6 -8.16 -13.51 -15.01
C ARG I 6 -7.23 -13.16 -16.17
N PRO I 7 -7.16 -11.87 -16.53
CA PRO I 7 -6.10 -11.40 -17.45
C PRO I 7 -4.73 -12.02 -17.18
N LEU I 8 -4.25 -12.00 -15.92
CA LEU I 8 -2.95 -12.58 -15.64
C LEU I 8 -2.95 -14.09 -15.81
N ASP I 9 -4.08 -14.75 -15.57
CA ASP I 9 -4.12 -16.20 -15.76
C ASP I 9 -4.08 -16.57 -17.23
N VAL I 10 -4.71 -15.77 -18.10
CA VAL I 10 -4.59 -15.98 -19.53
C VAL I 10 -3.15 -15.74 -19.99
N LEU I 11 -2.48 -14.77 -19.37
CA LEU I 11 -1.07 -14.58 -19.66
C LEU I 11 -0.26 -15.81 -19.26
N GLU I 12 -0.57 -16.39 -18.09
CA GLU I 12 0.12 -17.61 -17.67
C GLU I 12 -0.04 -18.71 -18.71
N GLU I 13 -1.25 -18.87 -19.26
CA GLU I 13 -1.49 -19.91 -20.26
C GLU I 13 -1.01 -19.52 -21.66
N SER I 14 -0.46 -18.32 -21.85
CA SER I 14 0.12 -17.96 -23.12
C SER I 14 1.65 -18.01 -23.12
N LEU I 15 2.26 -18.34 -21.98
CA LEU I 15 3.70 -18.47 -21.93
C LEU I 15 4.17 -19.44 -23.00
N GLU I 16 5.30 -19.13 -23.62
CA GLU I 16 5.90 -19.92 -24.69
C GLU I 16 5.07 -19.94 -25.97
N GLU I 17 4.06 -19.08 -26.09
CA GLU I 17 3.30 -18.98 -27.32
C GLU I 17 3.38 -17.56 -27.88
N THR I 18 3.01 -17.42 -29.15
CA THR I 18 3.06 -16.11 -29.80
C THR I 18 1.92 -15.22 -29.33
N VAL I 19 2.27 -13.98 -28.96
CA VAL I 19 1.30 -12.95 -28.64
C VAL I 19 1.71 -11.69 -29.38
N THR I 20 0.73 -10.79 -29.54
CA THR I 20 0.92 -9.48 -30.13
C THR I 20 0.53 -8.43 -29.11
N VAL I 21 1.43 -7.50 -28.83
CA VAL I 21 1.23 -6.43 -27.85
C VAL I 21 1.09 -5.12 -28.61
N ARG I 22 0.00 -4.39 -28.36
CA ARG I 22 -0.17 -3.07 -28.95
C ARG I 22 0.11 -2.01 -27.90
N LEU I 23 0.90 -1.01 -28.26
CA LEU I 23 1.31 0.03 -27.33
C LEU I 23 0.53 1.32 -27.55
N LYS I 24 0.58 2.19 -26.54
CA LYS I 24 -0.13 3.48 -26.62
C LYS I 24 0.37 4.36 -27.77
N ASP I 25 1.63 4.22 -28.17
CA ASP I 25 2.14 5.01 -29.29
C ASP I 25 1.71 4.47 -30.65
N GLY I 26 1.09 3.29 -30.70
CA GLY I 26 0.68 2.69 -31.95
C GLY I 26 1.55 1.55 -32.41
N ASP I 27 2.70 1.32 -31.78
CA ASP I 27 3.55 0.20 -32.15
C ASP I 27 2.94 -1.14 -31.75
N GLU I 28 3.29 -2.17 -32.50
CA GLU I 28 2.92 -3.54 -32.17
C GLU I 28 4.18 -4.40 -32.06
N PHE I 29 4.16 -5.34 -31.13
CA PHE I 29 5.26 -6.28 -30.95
C PHE I 29 4.69 -7.68 -30.95
N THR I 30 5.24 -8.53 -31.80
CA THR I 30 4.79 -9.89 -31.99
C THR I 30 5.94 -10.83 -31.69
N GLY I 31 5.68 -11.80 -30.83
CA GLY I 31 6.73 -12.75 -30.49
C GLY I 31 6.24 -13.69 -29.43
N VAL I 32 7.14 -14.57 -29.01
CA VAL I 32 6.84 -15.57 -27.99
C VAL I 32 6.90 -14.90 -26.63
N LEU I 33 5.82 -15.03 -25.87
CA LEU I 33 5.76 -14.50 -24.51
C LEU I 33 6.55 -15.43 -23.59
N THR I 34 7.66 -14.93 -23.02
CA THR I 34 8.50 -15.74 -22.14
C THR I 34 8.37 -15.37 -20.67
N GLY I 35 7.70 -14.27 -20.34
CA GLY I 35 7.48 -13.91 -18.95
C GLY I 35 6.63 -12.66 -18.86
N TYR I 36 6.11 -12.42 -17.66
CA TYR I 36 5.28 -11.26 -17.36
C TYR I 36 5.28 -11.08 -15.85
N ASP I 37 4.65 -10.01 -15.38
CA ASP I 37 4.54 -9.76 -13.95
C ASP I 37 3.24 -9.05 -13.64
N GLN I 38 3.05 -8.73 -12.36
CA GLN I 38 1.79 -8.15 -11.87
C GLN I 38 1.40 -6.88 -12.61
N HIS I 39 2.39 -6.06 -12.99
CA HIS I 39 2.15 -4.78 -13.68
C HIS I 39 1.81 -4.94 -15.15
N MET I 40 1.77 -6.17 -15.65
CA MET I 40 1.70 -6.44 -17.08
C MET I 40 2.93 -5.96 -17.85
N ASN I 41 4.08 -5.81 -17.20
CA ASN I 41 5.33 -5.90 -17.94
C ASN I 41 5.43 -7.29 -18.58
N VAL I 42 5.86 -7.34 -19.83
CA VAL I 42 5.94 -8.60 -20.54
C VAL I 42 7.34 -8.73 -21.14
N VAL I 43 7.80 -9.97 -21.29
CA VAL I 43 9.01 -10.24 -22.05
C VAL I 43 8.58 -10.94 -23.34
N ILE I 44 8.88 -10.31 -24.48
CA ILE I 44 8.49 -10.78 -25.80
C ILE I 44 9.74 -11.17 -26.57
N GLU I 45 9.78 -12.42 -27.04
CA GLU I 45 10.90 -12.91 -27.86
C GLU I 45 10.49 -12.82 -29.32
N GLY I 46 10.87 -11.70 -29.97
CA GLY I 46 10.63 -11.53 -31.40
C GLY I 46 11.91 -11.78 -32.17
N GLU I 47 12.32 -10.85 -33.02
CA GLU I 47 13.65 -10.94 -33.60
C GLU I 47 14.70 -10.77 -32.52
N ASP I 48 14.53 -9.77 -31.66
CA ASP I 48 15.33 -9.61 -30.46
C ASP I 48 14.42 -9.77 -29.24
N THR I 49 15.07 -10.04 -28.10
CA THR I 49 14.38 -10.07 -26.81
C THR I 49 14.00 -8.65 -26.40
N THR I 50 12.75 -8.49 -25.98
CA THR I 50 12.18 -7.16 -25.70
C THR I 50 11.41 -7.22 -24.40
N ILE I 51 11.83 -6.42 -23.42
CA ILE I 51 11.03 -6.15 -22.23
C ILE I 51 10.15 -4.94 -22.52
N ILE I 52 8.85 -5.06 -22.27
CA ILE I 52 7.91 -3.97 -22.49
C ILE I 52 7.34 -3.55 -21.14
N ARG I 53 7.39 -2.27 -20.85
CA ARG I 53 6.83 -1.79 -19.60
C ARG I 53 5.30 -1.74 -19.73
N GLY I 54 4.62 -2.20 -18.68
CA GLY I 54 3.19 -2.43 -18.78
C GLY I 54 2.38 -1.17 -19.00
N ASP I 55 2.82 -0.03 -18.45
CA ASP I 55 2.02 1.19 -18.58
C ASP I 55 1.93 1.68 -20.02
N ASN I 56 2.72 1.14 -20.95
CA ASN I 56 2.55 1.47 -22.36
C ASN I 56 1.61 0.51 -23.09
N VAL I 57 1.12 -0.52 -22.41
CA VAL I 57 0.36 -1.57 -23.06
C VAL I 57 -1.11 -1.17 -23.16
N VAL I 58 -1.69 -1.32 -24.35
CA VAL I 58 -3.13 -1.18 -24.57
C VAL I 58 -3.78 -2.56 -24.58
N THR I 59 -3.38 -3.42 -25.53
CA THR I 59 -3.94 -4.76 -25.65
C THR I 59 -2.83 -5.79 -25.79
N ILE I 60 -3.10 -6.99 -25.29
CA ILE I 60 -2.30 -8.16 -25.58
C ILE I 60 -3.23 -9.18 -26.20
N LYS I 61 -2.95 -9.56 -27.45
CA LYS I 61 -3.73 -10.58 -28.14
C LYS I 61 -2.91 -11.86 -28.20
N PRO I 62 -3.16 -12.82 -27.31
CA PRO I 62 -2.49 -14.13 -27.26
C PRO I 62 -3.13 -15.14 -28.21
N GLY J 1 7.97 -22.41 -11.95
CA GLY J 1 7.49 -21.24 -11.25
C GLY J 1 6.38 -20.58 -12.04
N ALA J 2 5.79 -19.52 -11.49
CA ALA J 2 4.77 -18.77 -12.19
C ALA J 2 5.39 -17.59 -12.93
N MET J 3 4.71 -17.13 -13.97
CA MET J 3 5.07 -15.95 -14.73
C MET J 3 6.35 -16.14 -15.56
N SER J 4 6.73 -17.38 -15.82
CA SER J 4 7.85 -17.62 -16.73
C SER J 4 9.10 -16.91 -16.24
N GLY J 5 9.78 -16.24 -17.17
CA GLY J 5 10.92 -15.40 -16.82
C GLY J 5 10.49 -13.97 -16.58
N ARG J 6 10.36 -13.58 -15.31
CA ARG J 6 9.82 -12.27 -14.97
C ARG J 6 10.67 -11.16 -15.58
N PRO J 7 10.05 -10.08 -16.07
CA PRO J 7 10.83 -8.97 -16.63
C PRO J 7 11.91 -8.44 -15.70
N LEU J 8 11.62 -8.29 -14.41
CA LEU J 8 12.66 -7.80 -13.51
C LEU J 8 13.76 -8.85 -13.32
N ASP J 9 13.40 -10.14 -13.44
CA ASP J 9 14.41 -11.20 -13.36
C ASP J 9 15.28 -11.23 -14.61
N VAL J 10 14.74 -10.86 -15.76
CA VAL J 10 15.54 -10.73 -16.97
C VAL J 10 16.54 -9.59 -16.82
N LEU J 11 16.11 -8.47 -16.23
CA LEU J 11 17.03 -7.38 -15.96
C LEU J 11 18.13 -7.81 -15.01
N GLU J 12 17.80 -8.60 -13.98
CA GLU J 12 18.85 -9.10 -13.11
C GLU J 12 19.87 -9.93 -13.89
N GLU J 13 19.42 -10.72 -14.85
CA GLU J 13 20.31 -11.49 -15.70
C GLU J 13 20.89 -10.66 -16.85
N SER J 14 20.71 -9.34 -16.84
CA SER J 14 21.37 -8.46 -17.79
C SER J 14 22.36 -7.51 -17.12
N LEU J 15 22.48 -7.56 -15.79
CA LEU J 15 23.44 -6.72 -15.11
C LEU J 15 24.84 -6.99 -15.65
N GLU J 16 25.58 -5.91 -15.88
CA GLU J 16 26.92 -5.92 -16.48
C GLU J 16 26.89 -6.37 -17.93
N GLU J 17 25.72 -6.41 -18.56
CA GLU J 17 25.60 -6.68 -19.98
C GLU J 17 25.08 -5.43 -20.67
N THR J 18 25.19 -5.38 -22.00
CA THR J 18 24.79 -4.20 -22.77
C THR J 18 23.30 -4.28 -23.11
N VAL J 19 22.58 -3.17 -22.91
CA VAL J 19 21.16 -3.09 -23.20
C VAL J 19 20.86 -1.79 -23.92
N THR J 20 19.70 -1.74 -24.58
CA THR J 20 19.18 -0.52 -25.20
C THR J 20 17.84 -0.17 -24.56
N VAL J 21 17.72 1.07 -24.10
CA VAL J 21 16.50 1.56 -23.48
C VAL J 21 15.86 2.58 -24.41
N ARG J 22 14.56 2.43 -24.67
CA ARG J 22 13.83 3.38 -25.48
C ARG J 22 12.78 4.07 -24.63
N LEU J 23 12.75 5.40 -24.71
CA LEU J 23 11.89 6.21 -23.88
C LEU J 23 10.66 6.68 -24.63
N LYS J 24 9.67 7.18 -23.88
CA LYS J 24 8.45 7.69 -24.49
C LYS J 24 8.72 8.83 -25.47
N ASP J 25 9.82 9.57 -25.29
CA ASP J 25 10.14 10.70 -26.15
C ASP J 25 10.95 10.31 -27.38
N GLY J 26 11.18 9.02 -27.61
CA GLY J 26 11.95 8.57 -28.76
C GLY J 26 13.44 8.46 -28.55
N ASP J 27 13.97 8.94 -27.43
CA ASP J 27 15.39 8.81 -27.17
C ASP J 27 15.75 7.36 -26.87
N GLU J 28 16.90 6.92 -27.35
CA GLU J 28 17.42 5.60 -27.02
C GLU J 28 18.73 5.73 -26.28
N PHE J 29 18.94 4.84 -25.31
CA PHE J 29 20.13 4.87 -24.48
C PHE J 29 20.74 3.48 -24.47
N THR J 30 21.86 3.31 -25.18
CA THR J 30 22.61 2.06 -25.17
C THR J 30 23.78 2.17 -24.20
N GLY J 31 24.04 1.09 -23.48
CA GLY J 31 25.10 1.05 -22.51
C GLY J 31 25.00 -0.22 -21.70
N VAL J 32 25.87 -0.33 -20.71
CA VAL J 32 25.88 -1.47 -19.81
C VAL J 32 24.91 -1.22 -18.67
N LEU J 33 24.01 -2.16 -18.45
CA LEU J 33 23.09 -2.04 -17.33
C LEU J 33 23.86 -2.31 -16.05
N THR J 34 23.97 -1.30 -15.17
CA THR J 34 24.69 -1.50 -13.92
C THR J 34 23.79 -1.55 -12.69
N GLY J 35 22.53 -1.14 -12.81
CA GLY J 35 21.57 -1.35 -11.74
C GLY J 35 20.16 -1.07 -12.23
N TYR J 36 19.20 -1.57 -11.45
CA TYR J 36 17.78 -1.31 -11.70
C TYR J 36 17.05 -1.40 -10.37
N ASP J 37 15.75 -1.08 -10.36
CA ASP J 37 14.92 -1.29 -9.18
C ASP J 37 13.53 -1.75 -9.60
N GLN J 38 12.68 -1.98 -8.59
CA GLN J 38 11.33 -2.49 -8.76
C GLN J 38 10.43 -1.59 -9.61
N HIS J 39 10.76 -0.31 -9.76
CA HIS J 39 10.03 0.59 -10.64
C HIS J 39 10.49 0.54 -12.09
N MET J 40 11.56 -0.21 -12.38
CA MET J 40 12.23 -0.17 -13.67
C MET J 40 12.96 1.16 -13.92
N ASN J 41 13.37 1.84 -12.84
CA ASN J 41 14.48 2.76 -12.95
C ASN J 41 15.73 1.96 -13.29
N VAL J 42 16.57 2.51 -14.17
CA VAL J 42 17.77 1.80 -14.62
C VAL J 42 18.96 2.74 -14.65
N VAL J 43 20.13 2.19 -14.37
CA VAL J 43 21.41 2.88 -14.51
C VAL J 43 22.12 2.28 -15.71
N ILE J 44 22.39 3.13 -16.71
CA ILE J 44 22.98 2.74 -17.98
C ILE J 44 24.34 3.41 -18.08
N GLU J 45 25.39 2.61 -18.21
CA GLU J 45 26.76 3.12 -18.26
C GLU J 45 27.26 3.04 -19.69
N GLY J 46 27.31 4.18 -20.37
CA GLY J 46 27.99 4.27 -21.65
C GLY J 46 29.31 5.00 -21.52
N GLU J 47 29.47 6.07 -22.30
CA GLU J 47 30.53 7.04 -22.04
C GLU J 47 30.48 7.55 -20.61
N ASP J 48 29.28 7.64 -20.02
CA ASP J 48 29.10 8.13 -18.66
C ASP J 48 27.85 7.50 -18.07
N THR J 49 27.59 7.83 -16.80
CA THR J 49 26.45 7.26 -16.09
C THR J 49 25.17 8.05 -16.39
N THR J 50 24.10 7.33 -16.74
CA THR J 50 22.77 7.91 -16.87
C THR J 50 21.80 7.12 -16.01
N ILE J 51 21.08 7.82 -15.13
CA ILE J 51 19.94 7.24 -14.44
C ILE J 51 18.69 7.59 -15.22
N ILE J 52 17.89 6.59 -15.57
CA ILE J 52 16.63 6.79 -16.30
C ILE J 52 15.49 6.43 -15.38
N ARG J 53 14.53 7.34 -15.24
CA ARG J 53 13.38 7.08 -14.39
C ARG J 53 12.38 6.15 -15.11
N GLY J 54 11.91 5.13 -14.38
CA GLY J 54 11.21 4.03 -15.02
C GLY J 54 9.96 4.45 -15.78
N ASP J 55 9.22 5.43 -15.26
CA ASP J 55 7.95 5.74 -15.93
C ASP J 55 8.16 6.36 -17.31
N ASN J 56 9.40 6.65 -17.73
CA ASN J 56 9.67 7.10 -19.08
C ASN J 56 9.97 5.97 -20.05
N VAL J 57 10.22 4.78 -19.55
CA VAL J 57 10.68 3.67 -20.38
C VAL J 57 9.52 3.09 -21.18
N VAL J 58 9.81 2.75 -22.44
CA VAL J 58 8.90 1.96 -23.26
C VAL J 58 9.40 0.52 -23.37
N THR J 59 10.61 0.32 -23.91
CA THR J 59 11.17 -1.00 -24.05
C THR J 59 12.60 -1.01 -23.55
N ILE J 60 13.02 -2.18 -23.10
CA ILE J 60 14.41 -2.48 -22.85
C ILE J 60 14.76 -3.72 -23.66
N LYS J 61 15.77 -3.62 -24.50
CA LYS J 61 16.22 -4.80 -25.22
C LYS J 61 17.49 -5.29 -24.56
N PRO J 62 17.43 -6.32 -23.70
CA PRO J 62 18.56 -6.86 -22.94
C PRO J 62 19.52 -7.65 -23.83
N GLY K 1 3.38 21.12 15.20
CA GLY K 1 3.82 19.82 14.71
C GLY K 1 4.65 19.95 13.46
N ALA K 2 4.60 18.92 12.61
CA ALA K 2 5.26 18.95 11.33
C ALA K 2 4.28 19.41 10.26
N MET K 3 4.85 19.81 9.12
CA MET K 3 4.12 20.17 7.92
C MET K 3 3.24 21.40 8.06
N SER K 4 3.36 22.15 9.17
CA SER K 4 2.66 23.43 9.26
C SER K 4 1.15 23.23 9.25
N GLY K 5 0.46 24.02 8.43
CA GLY K 5 -0.97 23.86 8.24
C GLY K 5 -1.28 23.01 7.02
N ARG K 6 -1.45 21.71 7.22
CA ARG K 6 -1.54 20.77 6.10
C ARG K 6 -2.67 21.17 5.15
N PRO K 7 -2.46 21.00 3.84
CA PRO K 7 -3.53 21.31 2.87
C PRO K 7 -4.90 20.73 3.23
N LEU K 8 -4.97 19.47 3.63
CA LEU K 8 -6.26 18.90 3.98
C LEU K 8 -6.81 19.52 5.26
N ASP K 9 -5.93 20.04 6.13
CA ASP K 9 -6.41 20.74 7.31
C ASP K 9 -6.98 22.11 6.96
N VAL K 10 -6.47 22.74 5.89
CA VAL K 10 -7.03 24.00 5.44
C VAL K 10 -8.41 23.76 4.83
N LEU K 11 -8.58 22.67 4.10
CA LEU K 11 -9.90 22.26 3.63
C LEU K 11 -10.86 22.06 4.80
N GLU K 12 -10.44 21.29 5.79
CA GLU K 12 -11.31 21.03 6.95
C GLU K 12 -11.83 22.35 7.54
N GLU K 13 -10.96 23.34 7.71
CA GLU K 13 -11.39 24.60 8.27
C GLU K 13 -12.11 25.49 7.27
N SER K 14 -12.18 25.09 5.99
CA SER K 14 -12.93 25.83 4.99
C SER K 14 -14.28 25.20 4.70
N LEU K 15 -14.68 24.15 5.41
CA LEU K 15 -15.98 23.57 5.21
C LEU K 15 -17.07 24.59 5.50
N GLU K 16 -18.20 24.43 4.81
CA GLU K 16 -19.34 25.34 4.91
C GLU K 16 -18.97 26.79 4.55
N GLU K 17 -17.84 27.02 3.89
CA GLU K 17 -17.45 28.33 3.37
C GLU K 17 -17.25 28.25 1.86
N THR K 18 -17.08 29.40 1.24
CA THR K 18 -16.98 29.49 -0.22
C THR K 18 -15.53 29.31 -0.65
N VAL K 19 -15.32 28.41 -1.60
CA VAL K 19 -14.01 28.21 -2.20
C VAL K 19 -14.15 28.28 -3.71
N THR K 20 -12.99 28.34 -4.38
CA THR K 20 -12.92 28.29 -5.84
C THR K 20 -11.92 27.21 -6.25
N VAL K 21 -12.34 26.33 -7.15
CA VAL K 21 -11.55 25.19 -7.59
C VAL K 21 -11.22 25.39 -9.05
N ARG K 22 -9.93 25.43 -9.37
CA ARG K 22 -9.49 25.50 -10.77
C ARG K 22 -9.04 24.12 -11.22
N LEU K 23 -9.53 23.67 -12.37
CA LEU K 23 -9.23 22.36 -12.90
C LEU K 23 -8.22 22.44 -14.04
N LYS K 24 -7.60 21.30 -14.36
CA LYS K 24 -6.57 21.29 -15.38
C LYS K 24 -7.10 21.70 -16.74
N ASP K 25 -8.40 21.59 -16.99
CA ASP K 25 -8.95 21.94 -18.29
C ASP K 25 -9.38 23.39 -18.37
N GLY K 26 -9.04 24.22 -17.38
CA GLY K 26 -9.36 25.63 -17.37
C GLY K 26 -10.61 26.00 -16.59
N ASP K 27 -11.53 25.05 -16.38
CA ASP K 27 -12.79 25.34 -15.70
C ASP K 27 -12.56 25.69 -14.24
N GLU K 28 -13.45 26.51 -13.70
CA GLU K 28 -13.42 26.92 -12.31
C GLU K 28 -14.80 26.69 -11.71
N PHE K 29 -14.84 26.17 -10.49
CA PHE K 29 -16.10 26.03 -9.76
C PHE K 29 -16.02 26.80 -8.46
N THR K 30 -17.02 27.64 -8.22
CA THR K 30 -17.14 28.39 -6.98
C THR K 30 -18.40 27.94 -6.26
N GLY K 31 -18.31 27.82 -4.94
CA GLY K 31 -19.44 27.38 -4.16
C GLY K 31 -18.96 27.02 -2.78
N VAL K 32 -19.90 26.55 -1.99
CA VAL K 32 -19.60 26.16 -0.62
C VAL K 32 -18.93 24.80 -0.63
N LEU K 33 -17.82 24.69 0.09
CA LEU K 33 -17.18 23.40 0.30
C LEU K 33 -18.00 22.66 1.34
N THR K 34 -18.67 21.56 0.92
CA THR K 34 -19.44 20.75 1.84
C THR K 34 -18.78 19.44 2.21
N GLY K 35 -17.77 19.02 1.46
CA GLY K 35 -16.99 17.85 1.87
C GLY K 35 -15.77 17.68 1.00
N TYR K 36 -14.88 16.82 1.47
CA TYR K 36 -13.64 16.48 0.76
C TYR K 36 -13.18 15.15 1.31
N ASP K 37 -12.18 14.54 0.65
CA ASP K 37 -11.54 13.34 1.19
C ASP K 37 -10.03 13.39 0.95
N GLN K 38 -9.34 12.32 1.38
CA GLN K 38 -7.87 12.33 1.35
C GLN K 38 -7.28 12.20 -0.05
N HIS K 39 -8.09 11.92 -1.07
CA HIS K 39 -7.62 12.14 -2.44
C HIS K 39 -7.78 13.58 -2.88
N MET K 40 -8.33 14.44 -2.02
CA MET K 40 -8.73 15.79 -2.39
C MET K 40 -9.81 15.79 -3.47
N ASN K 41 -10.63 14.75 -3.51
CA ASN K 41 -11.97 14.91 -4.08
C ASN K 41 -12.72 15.92 -3.22
N VAL K 42 -13.57 16.74 -3.84
CA VAL K 42 -14.29 17.78 -3.10
C VAL K 42 -15.73 17.84 -3.59
N VAL K 43 -16.60 18.32 -2.70
CA VAL K 43 -18.00 18.56 -3.01
C VAL K 43 -18.24 20.06 -2.90
N ILE K 44 -18.62 20.67 -4.03
CA ILE K 44 -18.84 22.10 -4.14
C ILE K 44 -20.33 22.31 -4.37
N GLU K 45 -20.95 23.11 -3.51
CA GLU K 45 -22.39 23.37 -3.60
C GLU K 45 -22.59 24.81 -4.03
N GLY K 46 -22.97 24.99 -5.29
CA GLY K 46 -23.35 26.31 -5.80
C GLY K 46 -24.84 26.36 -5.97
N GLU K 47 -25.31 26.57 -7.21
CA GLU K 47 -26.71 26.35 -7.52
C GLU K 47 -27.11 24.88 -7.41
N ASP K 48 -26.17 23.96 -7.55
CA ASP K 48 -26.42 22.57 -7.24
C ASP K 48 -25.12 21.94 -6.78
N THR K 49 -25.13 20.62 -6.65
CA THR K 49 -24.00 19.88 -6.10
C THR K 49 -23.08 19.42 -7.22
N THR K 50 -21.78 19.70 -7.06
CA THR K 50 -20.76 19.18 -7.96
C THR K 50 -19.75 18.41 -7.13
N ILE K 51 -19.58 17.13 -7.45
CA ILE K 51 -18.48 16.33 -6.93
C ILE K 51 -17.33 16.44 -7.92
N ILE K 52 -16.15 16.81 -7.44
CA ILE K 52 -14.98 17.02 -8.31
C ILE K 52 -13.94 15.98 -7.92
N ARG K 53 -13.48 15.21 -8.91
CA ARG K 53 -12.43 14.24 -8.64
C ARG K 53 -11.08 14.94 -8.48
N GLY K 54 -10.38 14.65 -7.39
CA GLY K 54 -9.21 15.44 -7.02
C GLY K 54 -8.10 15.48 -8.07
N ASP K 55 -7.89 14.39 -8.80
CA ASP K 55 -6.82 14.40 -9.79
C ASP K 55 -7.07 15.37 -10.94
N ASN K 56 -8.18 16.09 -10.96
CA ASN K 56 -8.38 17.16 -11.92
C ASN K 56 -8.05 18.53 -11.35
N VAL K 57 -7.77 18.60 -10.05
CA VAL K 57 -7.62 19.89 -9.37
C VAL K 57 -6.20 20.42 -9.59
N VAL K 58 -6.11 21.68 -10.01
CA VAL K 58 -4.87 22.43 -9.98
C VAL K 58 -4.78 23.15 -8.65
N THR K 59 -5.75 24.05 -8.37
CA THR K 59 -5.71 24.87 -7.17
C THR K 59 -7.08 24.95 -6.52
N ILE K 60 -7.08 25.15 -5.21
CA ILE K 60 -8.26 25.50 -4.46
C ILE K 60 -7.95 26.78 -3.68
N LYS K 61 -8.82 27.78 -3.80
CA LYS K 61 -8.67 29.02 -3.07
C LYS K 61 -9.81 29.17 -2.08
N PRO K 62 -9.60 28.83 -0.81
CA PRO K 62 -10.60 29.02 0.25
C PRO K 62 -10.62 30.47 0.73
N GLY L 1 22.72 10.49 8.18
CA GLY L 1 21.51 10.15 7.46
C GLY L 1 21.71 9.74 6.01
N ALA L 2 20.71 9.07 5.46
CA ALA L 2 20.62 8.81 4.03
C ALA L 2 19.78 9.90 3.37
N MET L 3 20.00 10.08 2.07
CA MET L 3 19.25 10.97 1.18
C MET L 3 19.55 12.45 1.40
N SER L 4 20.60 12.80 2.15
CA SER L 4 20.96 14.20 2.33
C SER L 4 19.86 14.97 3.01
N GLY L 5 19.61 16.18 2.53
CA GLY L 5 18.46 16.95 2.95
C GLY L 5 17.26 16.64 2.05
N ARG L 6 16.35 15.81 2.55
CA ARG L 6 15.25 15.32 1.75
C ARG L 6 14.36 16.47 1.27
N PRO L 7 13.82 16.38 0.05
CA PRO L 7 12.96 17.45 -0.47
C PRO L 7 11.84 17.89 0.49
N LEU L 8 11.14 16.96 1.15
CA LEU L 8 10.09 17.38 2.08
C LEU L 8 10.67 18.01 3.34
N ASP L 9 11.88 17.59 3.74
CA ASP L 9 12.55 18.25 4.86
C ASP L 9 12.97 19.67 4.49
N VAL L 10 13.34 19.91 3.24
CA VAL L 10 13.61 21.27 2.81
C VAL L 10 12.35 22.11 2.94
N LEU L 11 11.20 21.56 2.52
CA LEU L 11 9.95 22.29 2.66
C LEU L 11 9.65 22.61 4.11
N GLU L 12 9.88 21.64 5.01
CA GLU L 12 9.68 21.89 6.44
C GLU L 12 10.49 23.09 6.94
N GLU L 13 11.73 23.22 6.47
CA GLU L 13 12.56 24.36 6.86
C GLU L 13 12.21 25.63 6.09
N SER L 14 11.32 25.55 5.10
CA SER L 14 10.85 26.72 4.39
C SER L 14 9.52 27.21 4.93
N LEU L 15 8.93 26.54 5.91
CA LEU L 15 7.64 26.98 6.46
C LEU L 15 7.73 28.41 6.97
N GLU L 16 6.69 29.18 6.65
CA GLU L 16 6.55 30.58 6.98
C GLU L 16 7.58 31.45 6.30
N GLU L 17 8.15 30.97 5.19
CA GLU L 17 9.10 31.72 4.39
C GLU L 17 8.59 31.73 2.95
N THR L 18 9.12 32.67 2.16
CA THR L 18 8.63 32.85 0.79
C THR L 18 9.21 31.80 -0.14
N VAL L 19 8.35 31.23 -1.00
CA VAL L 19 8.79 30.26 -2.00
C VAL L 19 8.10 30.57 -3.32
N THR L 20 8.63 29.99 -4.40
CA THR L 20 8.00 30.11 -5.71
C THR L 20 7.77 28.70 -6.27
N VAL L 21 6.51 28.41 -6.60
CA VAL L 21 6.06 27.12 -7.10
C VAL L 21 5.74 27.30 -8.57
N ARG L 22 6.35 26.48 -9.43
CA ARG L 22 6.07 26.50 -10.85
C ARG L 22 5.32 25.24 -11.23
N LEU L 23 4.20 25.41 -11.93
CA LEU L 23 3.33 24.31 -12.31
C LEU L 23 3.61 23.84 -13.73
N LYS L 24 3.07 22.66 -14.06
CA LYS L 24 3.29 22.07 -15.37
C LYS L 24 2.74 22.94 -16.49
N ASP L 25 1.63 23.65 -16.24
CA ASP L 25 1.02 24.50 -17.27
C ASP L 25 1.76 25.82 -17.47
N GLY L 26 2.75 26.13 -16.64
CA GLY L 26 3.51 27.35 -16.77
C GLY L 26 3.22 28.42 -15.73
N ASP L 27 2.16 28.29 -14.93
CA ASP L 27 1.91 29.28 -13.90
C ASP L 27 2.95 29.16 -12.79
N GLU L 28 3.26 30.30 -12.18
CA GLU L 28 4.10 30.39 -11.00
C GLU L 28 3.30 31.01 -9.88
N PHE L 29 3.55 30.57 -8.65
CA PHE L 29 2.89 31.12 -7.47
C PHE L 29 3.95 31.44 -6.44
N THR L 30 4.02 32.70 -6.03
CA THR L 30 4.97 33.13 -5.00
C THR L 30 4.18 33.54 -3.78
N GLY L 31 4.73 33.25 -2.61
CA GLY L 31 4.04 33.56 -1.38
C GLY L 31 4.69 32.79 -0.27
N VAL L 32 4.10 32.92 0.91
CA VAL L 32 4.62 32.23 2.07
C VAL L 32 4.10 30.78 2.07
N LEU L 33 5.02 29.83 2.20
CA LEU L 33 4.65 28.43 2.37
C LEU L 33 4.19 28.24 3.81
N THR L 34 2.92 27.87 3.99
CA THR L 34 2.36 27.69 5.32
C THR L 34 2.04 26.24 5.66
N GLY L 35 2.01 25.37 4.67
CA GLY L 35 1.81 23.97 4.92
C GLY L 35 2.14 23.19 3.67
N TYR L 36 2.43 21.91 3.88
CA TYR L 36 2.57 20.97 2.80
C TYR L 36 2.16 19.61 3.35
N ASP L 37 2.15 18.59 2.48
CA ASP L 37 2.00 17.22 2.96
C ASP L 37 2.84 16.27 2.12
N GLN L 38 2.70 14.97 2.43
CA GLN L 38 3.54 13.93 1.89
C GLN L 38 3.44 13.79 0.37
N HIS L 39 2.36 14.31 -0.24
CA HIS L 39 2.21 14.32 -1.70
C HIS L 39 2.87 15.53 -2.36
N MET L 40 3.45 16.44 -1.56
CA MET L 40 3.90 17.74 -2.02
C MET L 40 2.73 18.62 -2.47
N ASN L 41 1.54 18.37 -1.94
CA ASN L 41 0.53 19.43 -1.89
C ASN L 41 1.08 20.57 -1.05
N VAL L 42 0.86 21.81 -1.47
CA VAL L 42 1.38 22.96 -0.72
C VAL L 42 0.30 24.02 -0.55
N VAL L 43 0.42 24.77 0.54
CA VAL L 43 -0.45 25.91 0.84
C VAL L 43 0.41 27.16 0.78
N ILE L 44 0.10 28.04 -0.18
CA ILE L 44 0.86 29.24 -0.45
C ILE L 44 0.00 30.44 -0.08
N GLU L 45 0.57 31.34 0.72
CA GLU L 45 -0.14 32.50 1.26
C GLU L 45 0.40 33.76 0.57
N GLY L 46 -0.36 34.26 -0.40
CA GLY L 46 -0.08 35.54 -1.02
C GLY L 46 -0.99 36.62 -0.45
N GLU L 47 -1.72 37.32 -1.32
CA GLU L 47 -2.81 38.15 -0.82
C GLU L 47 -3.93 37.31 -0.22
N ASP L 48 -4.07 36.07 -0.68
CA ASP L 48 -5.03 35.11 -0.14
C ASP L 48 -4.38 33.73 -0.12
N THR L 49 -5.14 32.74 0.31
CA THR L 49 -4.64 31.37 0.47
C THR L 49 -4.84 30.59 -0.81
N THR L 50 -3.81 29.84 -1.21
CA THR L 50 -3.89 28.94 -2.36
C THR L 50 -3.39 27.57 -1.95
N ILE L 51 -4.22 26.54 -2.12
CA ILE L 51 -3.79 25.15 -2.05
C ILE L 51 -3.41 24.70 -3.46
N ILE L 52 -2.21 24.16 -3.62
CA ILE L 52 -1.75 23.65 -4.90
C ILE L 52 -1.65 22.13 -4.77
N ARG L 53 -2.19 21.42 -5.75
CA ARG L 53 -2.10 19.97 -5.72
C ARG L 53 -0.71 19.54 -6.21
N GLY L 54 -0.09 18.63 -5.45
CA GLY L 54 1.30 18.25 -5.72
C GLY L 54 1.55 17.75 -7.14
N ASP L 55 0.60 17.01 -7.70
CA ASP L 55 0.83 16.43 -9.03
C ASP L 55 0.97 17.48 -10.12
N ASN L 56 0.64 18.74 -9.85
CA ASN L 56 0.77 19.81 -10.83
C ASN L 56 2.14 20.47 -10.83
N VAL L 57 2.98 20.17 -9.82
CA VAL L 57 4.18 20.94 -9.54
C VAL L 57 5.36 20.39 -10.33
N VAL L 58 6.16 21.29 -10.91
CA VAL L 58 7.41 20.94 -11.55
C VAL L 58 8.54 21.18 -10.58
N THR L 59 8.65 22.43 -10.09
CA THR L 59 9.71 22.86 -9.19
C THR L 59 9.15 23.74 -8.08
N ILE L 60 9.84 23.70 -6.94
CA ILE L 60 9.63 24.67 -5.88
C ILE L 60 10.98 25.30 -5.58
N LYS L 61 11.07 26.60 -5.72
CA LYS L 61 12.31 27.29 -5.37
C LYS L 61 12.10 27.92 -4.00
N PRO L 62 12.57 27.30 -2.92
CA PRO L 62 12.39 27.81 -1.56
C PRO L 62 13.39 28.94 -1.22
N GLY M 1 24.73 -8.53 -4.00
CA GLY M 1 23.31 -8.37 -3.72
C GLY M 1 22.45 -8.31 -4.98
N ALA M 2 21.15 -8.07 -4.80
CA ALA M 2 20.28 -7.98 -5.95
C ALA M 2 20.30 -6.56 -6.51
N MET M 3 20.08 -6.47 -7.82
CA MET M 3 19.78 -5.24 -8.56
C MET M 3 21.01 -4.39 -8.86
N SER M 4 22.23 -4.93 -8.75
CA SER M 4 23.39 -4.16 -9.14
C SER M 4 23.55 -2.94 -8.25
N GLY M 5 23.99 -1.84 -8.84
CA GLY M 5 24.01 -0.57 -8.13
C GLY M 5 22.68 0.14 -8.32
N ARG M 6 21.81 0.09 -7.31
CA ARG M 6 20.45 0.62 -7.47
C ARG M 6 20.49 2.10 -7.85
N PRO M 7 19.52 2.54 -8.67
CA PRO M 7 19.44 3.97 -9.00
C PRO M 7 19.52 4.90 -7.79
N LEU M 8 18.74 4.65 -6.74
CA LEU M 8 18.80 5.53 -5.58
C LEU M 8 20.11 5.39 -4.82
N ASP M 9 20.82 4.27 -4.95
CA ASP M 9 22.14 4.16 -4.35
C ASP M 9 23.16 4.99 -5.11
N VAL M 10 23.01 5.10 -6.42
CA VAL M 10 23.85 6.00 -7.20
C VAL M 10 23.59 7.45 -6.80
N LEU M 11 22.32 7.82 -6.61
CA LEU M 11 22.00 9.16 -6.12
C LEU M 11 22.69 9.45 -4.79
N GLU M 12 22.62 8.49 -3.86
CA GLU M 12 23.36 8.61 -2.60
C GLU M 12 24.84 8.86 -2.84
N GLU M 13 25.44 8.11 -3.77
N GLU M 13 25.45 8.12 -3.76
CA GLU M 13 26.86 8.25 -4.09
CA GLU M 13 26.88 8.33 -3.98
C GLU M 13 27.17 9.60 -4.74
C GLU M 13 27.18 9.62 -4.74
N SER M 14 26.17 10.27 -5.31
CA SER M 14 26.35 11.54 -5.99
C SER M 14 25.94 12.75 -5.14
N LEU M 15 25.60 12.53 -3.88
CA LEU M 15 25.32 13.66 -3.00
C LEU M 15 26.57 14.54 -2.89
N GLU M 16 26.35 15.85 -2.90
CA GLU M 16 27.39 16.86 -2.81
C GLU M 16 28.18 17.00 -4.09
N GLU M 17 27.89 16.19 -5.10
CA GLU M 17 28.56 16.27 -6.39
C GLU M 17 27.60 16.87 -7.41
N THR M 18 28.15 17.27 -8.54
CA THR M 18 27.38 18.00 -9.54
C THR M 18 26.69 17.02 -10.47
N VAL M 19 25.41 17.28 -10.75
CA VAL M 19 24.60 16.40 -11.57
C VAL M 19 23.75 17.26 -12.51
N THR M 20 23.21 16.61 -13.54
CA THR M 20 22.30 17.26 -14.48
C THR M 20 20.98 16.49 -14.53
N VAL M 21 19.88 17.20 -14.26
CA VAL M 21 18.54 16.63 -14.23
C VAL M 21 17.77 17.16 -15.43
N ARG M 22 17.26 16.26 -16.25
CA ARG M 22 16.55 16.61 -17.47
C ARG M 22 15.08 16.24 -17.33
N LEU M 23 14.19 17.19 -17.64
CA LEU M 23 12.77 17.04 -17.32
C LEU M 23 11.94 16.72 -18.57
N LYS M 24 10.70 16.29 -18.31
CA LYS M 24 9.79 15.98 -19.42
C LYS M 24 9.53 17.19 -20.31
N ASP M 25 9.54 18.40 -19.75
CA ASP M 25 9.39 19.59 -20.58
C ASP M 25 10.68 19.96 -21.33
N GLY M 26 11.76 19.17 -21.19
CA GLY M 26 13.00 19.42 -21.90
C GLY M 26 13.95 20.39 -21.23
N ASP M 27 13.55 21.04 -20.14
CA ASP M 27 14.49 21.84 -19.37
C ASP M 27 15.51 20.94 -18.67
N GLU M 28 16.70 21.49 -18.45
CA GLU M 28 17.77 20.79 -17.76
C GLU M 28 18.23 21.63 -16.58
N PHE M 29 18.33 21.01 -15.41
CA PHE M 29 18.88 21.65 -14.22
C PHE M 29 20.24 21.04 -13.90
N THR M 30 21.26 21.90 -13.78
CA THR M 30 22.58 21.48 -13.36
C THR M 30 22.92 22.17 -12.05
N GLY M 31 23.56 21.43 -11.15
CA GLY M 31 23.89 21.96 -9.85
C GLY M 31 24.24 20.81 -8.94
N VAL M 32 24.54 21.16 -7.69
CA VAL M 32 24.91 20.15 -6.71
C VAL M 32 23.66 19.43 -6.22
N LEU M 33 23.72 18.11 -6.18
CA LEU M 33 22.64 17.31 -5.62
C LEU M 33 22.80 17.31 -4.10
N THR M 34 21.84 17.92 -3.40
CA THR M 34 21.91 17.99 -1.94
C THR M 34 20.91 17.09 -1.24
N GLY M 35 19.96 16.51 -1.97
CA GLY M 35 19.06 15.53 -1.38
C GLY M 35 18.18 14.88 -2.43
N TYR M 36 17.55 13.80 -2.02
CA TYR M 36 16.60 13.11 -2.88
C TYR M 36 15.67 12.30 -1.98
N ASP M 37 14.63 11.71 -2.58
CA ASP M 37 13.78 10.79 -1.84
C ASP M 37 13.40 9.61 -2.73
N GLN M 38 12.72 8.63 -2.13
CA GLN M 38 12.31 7.41 -2.84
C GLN M 38 11.34 7.67 -4.01
N HIS M 39 10.73 8.85 -4.10
CA HIS M 39 10.01 9.21 -5.33
C HIS M 39 10.94 9.73 -6.42
N MET M 40 12.22 9.91 -6.12
CA MET M 40 13.17 10.62 -6.97
C MET M 40 12.84 12.10 -7.12
N ASN M 41 12.19 12.68 -6.11
CA ASN M 41 12.32 14.12 -5.92
C ASN M 41 13.77 14.43 -5.63
N VAL M 42 14.26 15.54 -6.16
CA VAL M 42 15.65 15.92 -5.93
C VAL M 42 15.73 17.38 -5.51
N VAL M 43 16.75 17.68 -4.72
CA VAL M 43 17.13 19.05 -4.40
C VAL M 43 18.43 19.33 -5.12
N ILE M 44 18.44 20.40 -5.92
CA ILE M 44 19.55 20.78 -6.77
C ILE M 44 19.95 22.20 -6.44
N GLU M 45 21.19 22.39 -6.02
CA GLU M 45 21.72 23.73 -5.73
C GLU M 45 22.48 24.19 -6.96
N GLY M 46 21.85 25.04 -7.76
CA GLY M 46 22.52 25.74 -8.83
C GLY M 46 22.79 27.17 -8.39
N GLU M 47 22.23 28.14 -9.12
CA GLU M 47 22.16 29.50 -8.61
C GLU M 47 21.44 29.52 -7.28
N ASP M 48 20.25 28.94 -7.26
CA ASP M 48 19.36 28.87 -6.11
C ASP M 48 19.05 27.40 -5.81
N THR M 49 18.42 27.18 -4.67
CA THR M 49 17.90 25.86 -4.35
C THR M 49 16.64 25.58 -5.16
N THR M 50 16.62 24.45 -5.86
CA THR M 50 15.46 24.03 -6.62
C THR M 50 15.04 22.64 -6.16
N ILE M 51 13.82 22.53 -5.69
CA ILE M 51 13.19 21.22 -5.50
C ILE M 51 12.52 20.84 -6.81
N ILE M 52 12.86 19.66 -7.32
CA ILE M 52 12.26 19.11 -8.54
C ILE M 52 11.42 17.89 -8.17
N ARG M 53 10.15 17.90 -8.58
CA ARG M 53 9.27 16.77 -8.32
C ARG M 53 9.63 15.61 -9.25
N GLY M 54 9.81 14.43 -8.66
CA GLY M 54 10.33 13.28 -9.41
C GLY M 54 9.54 12.94 -10.66
N ASP M 55 8.22 13.14 -10.65
CA ASP M 55 7.41 12.76 -11.80
C ASP M 55 7.71 13.60 -13.04
N ASN M 56 8.52 14.65 -12.93
CA ASN M 56 8.92 15.42 -14.11
C ASN M 56 10.23 14.93 -14.71
N VAL M 57 10.96 14.09 -14.00
CA VAL M 57 12.33 13.74 -14.34
C VAL M 57 12.33 12.68 -15.43
N VAL M 58 13.18 12.86 -16.44
CA VAL M 58 13.38 11.82 -17.44
C VAL M 58 14.68 11.09 -17.12
N THR M 59 15.80 11.83 -17.03
CA THR M 59 17.10 11.26 -16.70
C THR M 59 17.84 12.14 -15.70
N ILE M 60 18.75 11.52 -14.96
CA ILE M 60 19.74 12.23 -14.16
C ILE M 60 21.11 11.70 -14.58
N LYS M 61 22.03 12.62 -14.88
CA LYS M 61 23.41 12.23 -15.15
C LYS M 61 24.27 12.66 -13.97
N PRO M 62 24.66 11.75 -13.08
CA PRO M 62 25.52 12.03 -11.93
C PRO M 62 26.99 12.09 -12.31
N GLY N 1 -26.32 -3.51 1.81
CA GLY N 1 -24.90 -3.16 1.76
C GLY N 1 -24.61 -1.76 1.27
N ALA N 2 -23.35 -1.35 1.32
CA ALA N 2 -22.94 -0.06 0.79
C ALA N 2 -22.59 -0.18 -0.71
N MET N 3 -22.58 0.96 -1.39
CA MET N 3 -22.08 1.12 -2.75
C MET N 3 -23.01 0.53 -3.82
N SER N 4 -24.22 0.11 -3.46
CA SER N 4 -25.15 -0.34 -4.48
C SER N 4 -24.64 -1.56 -5.21
N GLY N 5 -24.86 -1.59 -6.53
CA GLY N 5 -24.29 -2.64 -7.35
C GLY N 5 -22.91 -2.24 -7.81
N ARG N 6 -21.88 -2.73 -7.13
CA ARG N 6 -20.51 -2.27 -7.39
C ARG N 6 -20.13 -2.51 -8.85
N PRO N 7 -19.37 -1.61 -9.48
CA PRO N 7 -18.92 -1.85 -10.86
C PRO N 7 -18.26 -3.22 -11.11
N LEU N 8 -17.40 -3.71 -10.21
CA LEU N 8 -16.78 -5.01 -10.42
C LEU N 8 -17.76 -6.15 -10.22
N ASP N 9 -18.78 -5.95 -9.38
CA ASP N 9 -19.81 -6.97 -9.24
C ASP N 9 -20.69 -7.03 -10.49
N VAL N 10 -20.89 -5.90 -11.17
CA VAL N 10 -21.60 -5.93 -12.44
C VAL N 10 -20.76 -6.66 -13.48
N LEU N 11 -19.43 -6.55 -13.40
CA LEU N 11 -18.55 -7.34 -14.25
C LEU N 11 -18.68 -8.83 -13.95
N GLU N 12 -18.66 -9.20 -12.66
CA GLU N 12 -18.86 -10.60 -12.34
C GLU N 12 -20.14 -11.14 -12.97
N GLU N 13 -21.22 -10.35 -12.93
CA GLU N 13 -22.49 -10.81 -13.45
C GLU N 13 -22.50 -10.83 -14.97
N SER N 14 -21.61 -10.08 -15.62
CA SER N 14 -21.54 -10.08 -17.07
C SER N 14 -20.60 -11.14 -17.64
N LEU N 15 -19.98 -11.97 -16.79
CA LEU N 15 -19.09 -13.00 -17.32
C LEU N 15 -19.87 -13.92 -18.28
N GLU N 16 -19.20 -14.28 -19.37
CA GLU N 16 -19.75 -15.09 -20.45
C GLU N 16 -20.94 -14.44 -21.15
N GLU N 17 -21.16 -13.15 -20.97
CA GLU N 17 -22.10 -12.38 -21.78
C GLU N 17 -21.31 -11.40 -22.67
N THR N 18 -22.01 -10.84 -23.65
CA THR N 18 -21.38 -9.93 -24.60
C THR N 18 -21.29 -8.53 -24.01
N VAL N 19 -20.11 -7.93 -24.06
CA VAL N 19 -19.93 -6.56 -23.61
C VAL N 19 -19.22 -5.77 -24.71
N THR N 20 -19.21 -4.45 -24.54
CA THR N 20 -18.48 -3.53 -25.41
C THR N 20 -17.59 -2.63 -24.56
N VAL N 21 -16.30 -2.63 -24.87
CA VAL N 21 -15.31 -1.83 -24.14
C VAL N 21 -14.85 -0.70 -25.05
N ARG N 22 -14.92 0.54 -24.55
CA ARG N 22 -14.41 1.70 -25.28
C ARG N 22 -13.15 2.22 -24.60
N LEU N 23 -12.10 2.43 -25.39
CA LEU N 23 -10.80 2.86 -24.90
C LEU N 23 -10.61 4.37 -25.08
N LYS N 24 -9.58 4.89 -24.40
CA LYS N 24 -9.22 6.29 -24.55
C LYS N 24 -8.91 6.65 -25.99
N ASP N 25 -8.16 5.80 -26.71
CA ASP N 25 -7.84 6.14 -28.09
C ASP N 25 -9.05 6.13 -29.01
N GLY N 26 -10.22 5.71 -28.52
CA GLY N 26 -11.44 5.66 -29.31
C GLY N 26 -11.82 4.30 -29.84
N ASP N 27 -10.93 3.31 -29.75
CA ASP N 27 -11.26 1.97 -30.20
C ASP N 27 -12.35 1.35 -29.34
N GLU N 28 -13.10 0.43 -29.95
CA GLU N 28 -14.10 -0.35 -29.24
C GLU N 28 -13.83 -1.83 -29.45
N PHE N 29 -14.14 -2.62 -28.43
CA PHE N 29 -13.98 -4.06 -28.49
C PHE N 29 -15.28 -4.69 -28.03
N THR N 30 -15.85 -5.53 -28.87
CA THR N 30 -17.10 -6.18 -28.55
C THR N 30 -16.88 -7.69 -28.56
N GLY N 31 -17.37 -8.36 -27.53
CA GLY N 31 -17.26 -9.79 -27.46
C GLY N 31 -17.63 -10.26 -26.07
N VAL N 32 -17.38 -11.52 -25.83
CA VAL N 32 -17.70 -12.12 -24.54
C VAL N 32 -16.64 -11.73 -23.53
N LEU N 33 -17.09 -11.25 -22.38
CA LEU N 33 -16.21 -11.01 -21.24
C LEU N 33 -15.91 -12.36 -20.59
N THR N 34 -14.65 -12.81 -20.66
CA THR N 34 -14.30 -14.09 -20.04
C THR N 34 -13.51 -13.93 -18.75
N GLY N 35 -13.04 -12.73 -18.41
CA GLY N 35 -12.41 -12.52 -17.13
C GLY N 35 -12.06 -11.06 -16.96
N TYR N 36 -11.78 -10.70 -15.71
CA TYR N 36 -11.40 -9.34 -15.33
C TYR N 36 -10.63 -9.44 -14.03
N ASP N 37 -10.06 -8.32 -13.59
CA ASP N 37 -9.44 -8.31 -12.26
C ASP N 37 -9.71 -6.96 -11.60
N GLN N 38 -9.08 -6.76 -10.44
CA GLN N 38 -9.29 -5.58 -9.61
C GLN N 38 -8.83 -4.28 -10.27
N HIS N 39 -7.93 -4.32 -11.25
CA HIS N 39 -7.60 -3.10 -11.97
C HIS N 39 -8.56 -2.80 -13.11
N MET N 40 -9.54 -3.68 -13.35
CA MET N 40 -10.41 -3.62 -14.52
C MET N 40 -9.65 -3.88 -15.82
N ASN N 41 -8.51 -4.57 -15.74
CA ASN N 41 -8.06 -5.35 -16.90
C ASN N 41 -9.17 -6.35 -17.22
N VAL N 42 -9.48 -6.51 -18.50
CA VAL N 42 -10.55 -7.39 -18.93
C VAL N 42 -10.02 -8.31 -20.04
N VAL N 43 -10.69 -9.44 -20.21
CA VAL N 43 -10.44 -10.35 -21.33
C VAL N 43 -11.71 -10.43 -22.15
N ILE N 44 -11.62 -10.04 -23.41
CA ILE N 44 -12.78 -9.98 -24.31
C ILE N 44 -12.55 -11.01 -25.41
N GLU N 45 -13.50 -11.91 -25.59
CA GLU N 45 -13.38 -12.97 -26.59
C GLU N 45 -14.34 -12.67 -27.74
N GLY N 46 -13.77 -12.38 -28.92
CA GLY N 46 -14.54 -12.10 -30.12
C GLY N 46 -14.17 -13.13 -31.16
N GLU N 47 -13.62 -12.69 -32.30
CA GLU N 47 -13.00 -13.65 -33.21
C GLU N 47 -11.78 -14.29 -32.57
N ASP N 48 -11.14 -13.61 -31.64
CA ASP N 48 -10.09 -14.23 -30.83
C ASP N 48 -9.99 -13.48 -29.51
N THR N 49 -8.90 -13.72 -28.78
CA THR N 49 -8.78 -13.24 -27.42
C THR N 49 -8.07 -11.90 -27.40
N THR N 50 -8.63 -10.95 -26.64
CA THR N 50 -8.02 -9.65 -26.42
C THR N 50 -7.97 -9.40 -24.93
N ILE N 51 -6.77 -9.36 -24.36
CA ILE N 51 -6.59 -8.79 -23.03
C ILE N 51 -6.49 -7.29 -23.17
N ILE N 52 -7.23 -6.56 -22.36
CA ILE N 52 -7.24 -5.10 -22.40
C ILE N 52 -6.78 -4.62 -21.04
N ARG N 53 -5.73 -3.82 -21.03
CA ARG N 53 -5.25 -3.24 -19.78
C ARG N 53 -6.23 -2.16 -19.32
N GLY N 54 -6.62 -2.24 -18.05
CA GLY N 54 -7.70 -1.39 -17.54
C GLY N 54 -7.42 0.09 -17.67
N ASP N 55 -6.15 0.48 -17.52
CA ASP N 55 -5.73 1.87 -17.61
C ASP N 55 -6.24 2.56 -18.88
N ASN N 56 -6.53 1.81 -19.93
CA ASN N 56 -6.96 2.40 -21.19
C ASN N 56 -8.46 2.52 -21.34
N VAL N 57 -9.24 2.01 -20.38
CA VAL N 57 -10.67 1.83 -20.54
C VAL N 57 -11.39 3.12 -20.18
N VAL N 58 -12.38 3.48 -20.97
CA VAL N 58 -13.26 4.59 -20.59
C VAL N 58 -14.54 4.00 -20.03
N THR N 59 -15.28 3.22 -20.83
CA THR N 59 -16.54 2.63 -20.41
C THR N 59 -16.62 1.17 -20.79
N ILE N 60 -17.38 0.41 -20.03
CA ILE N 60 -17.76 -0.95 -20.36
C ILE N 60 -19.28 -1.00 -20.42
N LYS N 61 -19.83 -1.43 -21.55
CA LYS N 61 -21.28 -1.52 -21.73
C LYS N 61 -21.69 -2.98 -21.73
N PRO N 62 -22.21 -3.52 -20.61
CA PRO N 62 -22.74 -4.89 -20.51
C PRO N 62 -24.25 -4.98 -20.75
CA CA O . -25.01 9.15 20.32
CA CA P . -31.22 -3.70 7.96
N1 URI Q . -6.27 -1.39 12.54
C2 URI Q . -7.38 -1.33 13.36
N3 URI Q . -7.85 -0.08 13.63
C4 URI Q . -7.33 1.11 13.17
C5 URI Q . -6.20 0.98 12.30
C6 URI Q . -5.72 -0.24 12.02
O2 URI Q . -7.91 -2.33 13.83
O4 URI Q . -7.90 2.16 13.51
C1' URI Q . -5.80 -2.75 12.23
C2' URI Q . -6.33 -3.31 10.92
C3' URI Q . -5.33 -4.43 10.67
C4' URI Q . -4.02 -3.82 11.16
O2' URI Q . -7.67 -3.71 11.02
O3' URI Q . -5.67 -5.56 11.47
O4' URI Q . -4.39 -2.77 12.11
C5' URI Q . -3.15 -3.26 10.07
O5' URI Q . -2.78 -4.26 9.11
CA CA R . 8.92 21.58 22.58
CA CA S . 8.07 23.84 16.98
N1 URI T . 6.76 -1.37 12.35
C2 URI T . 7.64 -0.80 13.26
N3 URI T . 8.85 -0.41 12.74
C4 URI T . 9.26 -0.47 11.43
C5 URI T . 8.29 -1.04 10.54
C6 URI T . 7.09 -1.44 11.02
O2 URI T . 7.40 -0.70 14.46
O4 URI T . 10.38 -0.07 11.14
C1' URI T . 5.44 -1.78 12.89
C2' URI T . 4.34 -1.81 11.83
C3' URI T . 4.27 -3.31 11.53
C4' URI T . 4.51 -3.93 12.89
O2' URI T . 3.15 -1.38 12.46
O3' URI T . 3.05 -3.71 10.95
O4' URI T . 5.52 -3.06 13.47
C5' URI T . 4.97 -5.36 12.91
O5' URI T . 6.38 -5.46 12.78
N1 URI U . 8.80 -7.33 8.37
C2 URI U . 10.11 -7.59 8.74
N3 URI U . 10.92 -8.10 7.75
C4 URI U . 10.57 -8.33 6.43
C5 URI U . 9.20 -8.01 6.12
C6 URI U . 8.38 -7.52 7.07
O2 URI U . 10.50 -7.42 9.88
O4 URI U . 11.43 -8.75 5.67
C1' URI U . 7.96 -6.78 9.46
C2' URI U . 6.90 -5.78 8.96
C3' URI U . 5.62 -6.59 9.10
C4' URI U . 5.91 -7.46 10.31
O2' URI U . 6.88 -4.66 9.83
O3' URI U . 4.46 -5.80 9.24
O4' URI U . 7.30 -7.80 10.15
C5' URI U . 5.08 -8.70 10.48
O5' URI U . 5.89 -9.85 10.74
CA CA V . -20.20 -28.39 2.95
CA CA W . -29.51 -12.16 11.02
CA CA X . -20.07 -25.24 -5.05
CA CA Y . -9.64 -21.82 -12.91
N1 URI Z . -7.51 -8.14 8.97
C2 URI Z . -7.64 -6.80 8.64
N3 URI Z . -8.94 -6.34 8.56
C4 URI Z . -10.10 -7.05 8.74
C5 URI Z . -9.89 -8.43 9.05
C6 URI Z . -8.65 -8.92 9.14
O2 URI Z . -6.71 -6.03 8.46
O4 URI Z . -11.19 -6.47 8.61
C1' URI Z . -6.19 -8.81 9.08
C2' URI Z . -5.19 -8.50 7.95
C3' URI Z . -4.12 -7.69 8.68
C4' URI Z . -4.16 -8.29 10.09
O2' URI Z . -4.64 -9.71 7.47
O3' URI Z . -2.84 -7.80 8.08
O4' URI Z . -5.57 -8.51 10.32
C5' URI Z . -3.50 -7.52 11.21
O5' URI Z . -2.21 -8.04 11.50
CA CA AA . 13.38 -19.12 -12.01
CA CA BA . 6.06 -30.54 -10.33
N1 URI CA . -3.27 -12.61 5.51
C2 URI CA . -3.49 -13.97 5.31
N3 URI CA . -4.61 -14.26 4.57
C4 URI CA . -5.49 -13.36 4.02
C5 URI CA . -5.18 -11.97 4.25
C6 URI CA . -4.10 -11.66 4.97
O2 URI CA . -2.76 -14.86 5.78
O4 URI CA . -6.46 -13.78 3.37
C1' URI CA . -2.07 -12.26 6.26
C2' URI CA . -1.61 -10.82 6.11
C3' URI CA . -0.72 -10.67 7.35
C4' URI CA . -1.43 -11.54 8.39
O2' URI CA . -0.93 -10.62 4.89
O3' URI CA . 0.54 -11.27 7.06
O4' URI CA . -2.31 -12.43 7.65
C5' URI CA . -2.23 -10.80 9.42
O5' URI CA . -3.29 -11.60 9.94
CA CA DA . 12.15 -31.71 -2.72
N1 URI EA . 4.06 -12.39 5.13
C2 URI EA . 4.88 -13.52 5.18
N3 URI EA . 4.73 -14.39 4.12
C4 URI EA . 3.90 -14.24 3.03
C5 URI EA . 3.11 -13.05 3.03
C6 URI EA . 3.22 -12.18 4.04
O2 URI EA . 5.65 -13.78 6.10
O4 URI EA . 3.89 -15.12 2.16
C1' URI EA . 4.16 -11.33 6.16
C2' URI EA . 3.11 -10.24 6.10
C3' URI EA . 3.23 -9.62 7.49
C4' URI EA . 3.62 -10.82 8.37
O2' URI EA . 3.33 -9.33 5.03
O3' URI EA . 4.31 -8.68 7.46
O4' URI EA . 4.04 -11.88 7.46
C5' URI EA . 2.56 -11.33 9.33
O5' URI EA . 1.67 -12.26 8.72
C1 GOL FA . -15.43 20.44 19.62
O1 GOL FA . -14.16 19.81 19.55
C2 GOL FA . -16.35 19.50 20.48
O2 GOL FA . -16.04 18.14 20.29
C3 GOL FA . -17.83 19.86 20.04
O3 GOL FA . -18.20 21.08 20.64
N1 URI GA . 0.43 1.22 14.05
C2 URI GA . 0.08 1.91 15.20
N3 URI GA . 0.71 3.13 15.35
C4 URI GA . 1.61 3.71 14.49
C5 URI GA . 1.91 2.94 13.31
C6 URI GA . 1.32 1.75 13.14
O2 URI GA . -0.70 1.48 16.05
O4 URI GA . 2.07 4.81 14.76
C1' URI GA . -0.20 -0.09 13.83
C2' URI GA . -1.37 -0.06 12.86
C3' URI GA . -1.43 -1.53 12.43
C4' URI GA . 0.05 -1.89 12.33
O2' URI GA . -2.54 0.47 13.45
O3' URI GA . -2.03 -2.32 13.47
O4' URI GA . 0.74 -0.98 13.25
C5' URI GA . 0.62 -1.76 10.94
O5' URI GA . 0.12 -2.74 10.05
CA CA HA . -31.27 9.85 -1.95
CA CA IA . -28.87 6.88 3.52
CA CA JA . -27.61 -4.18 -18.48
N1 URI KA . -8.16 2.91 -10.67
C2 URI KA . -9.44 3.21 -11.15
N3 URI KA . -10.26 2.10 -11.31
C4 URI KA . -9.95 0.78 -11.04
C5 URI KA . -8.62 0.57 -10.54
C6 URI KA . -7.81 1.62 -10.37
O2 URI KA . -9.84 4.33 -11.44
O4 URI KA . -10.78 -0.10 -11.24
C1' URI KA . -7.17 3.99 -10.42
C2' URI KA . -5.72 3.51 -10.31
C3' URI KA . -4.97 4.78 -10.67
C4' URI KA . -5.85 5.40 -11.75
O2' URI KA . -5.40 2.97 -9.04
O3' URI KA . -4.92 5.64 -9.53
O4' URI KA . -7.18 4.89 -11.52
C5' URI KA . -5.42 5.10 -13.17
O5' URI KA . -4.18 5.73 -13.49
CA CA LA . 18.32 -12.37 -26.17
CA CA MA . -1.20 -24.30 -17.27
CA CA NA . -0.94 -22.93 -23.43
N1 URI OA . 4.38 0.10 -13.61
C2 URI OA . 4.84 -0.62 -14.71
N3 URI OA . 6.01 -1.30 -14.52
C4 URI OA . 6.77 -1.36 -13.36
C5 URI OA . 6.22 -0.60 -12.26
C6 URI OA . 5.08 0.07 -12.42
O2 URI OA . 4.26 -0.64 -15.79
O4 URI OA . 7.82 -2.02 -13.36
C1' URI OA . 3.10 0.82 -13.78
C2' URI OA . 2.10 0.60 -12.65
C3' URI OA . 1.19 1.81 -12.84
C4' URI OA . 2.15 2.89 -13.33
O2' URI OA . 1.47 -0.65 -12.75
O3' URI OA . 0.25 1.50 -13.88
O4' URI OA . 3.33 2.21 -13.82
C5' URI OA . 2.52 3.94 -12.31
O5' URI OA . 1.45 4.83 -12.02
CA CA PA . 22.90 -12.83 -18.79
N1 URI QA . 7.99 5.87 -10.28
C2 URI QA . 9.20 5.77 -10.98
N3 URI QA . 10.32 5.86 -10.19
C4 URI QA . 10.37 6.02 -8.82
C5 URI QA . 9.10 6.11 -8.18
C6 URI QA . 7.99 6.03 -8.92
O2 URI QA . 9.27 5.62 -12.20
O4 URI QA . 11.46 6.08 -8.26
C1' URI QA . 6.71 5.79 -11.02
C2' URI QA . 6.27 4.33 -11.23
C3' URI QA . 5.34 4.13 -10.03
C4' URI QA . 4.66 5.48 -9.91
O2' URI QA . 5.55 4.25 -12.46
O3' URI QA . 4.43 3.04 -10.18
O4' URI QA . 5.70 6.43 -10.27
C5' URI QA . 4.12 5.83 -8.53
O5' URI QA . 2.94 5.08 -8.24
CA CA RA . -27.86 17.96 -4.80
CA CA SA . -30.32 30.71 -6.73
N1 URI TA . -7.89 9.08 -6.70
C2 URI TA . -8.70 10.22 -6.80
N3 URI TA . -10.03 10.01 -6.49
C4 URI TA . -10.60 8.83 -6.05
C5 URI TA . -9.71 7.73 -5.95
C6 URI TA . -8.41 7.89 -6.26
O2 URI TA . -8.28 11.32 -7.19
O4 URI TA . -11.81 8.78 -5.79
C1' URI TA . -6.45 9.18 -6.99
C2' URI TA . -5.72 7.83 -7.07
C3' URI TA . -4.49 8.21 -7.88
C4' URI TA . -5.07 9.22 -8.88
O2' URI TA . -5.45 7.29 -5.79
O3' URI TA . -3.53 8.85 -7.04
O4' URI TA . -6.27 9.77 -8.26
C5' URI TA . -5.42 8.66 -10.24
O5' URI TA . -4.27 8.11 -10.89
CA CA UA . 19.14 15.86 8.76
CA CA VA . 14.97 30.41 3.98
CA CA WA . 13.70 22.91 12.33
N1 URI XA . -1.78 12.83 -4.89
C2 URI XA . -1.71 14.22 -4.83
N3 URI XA . -2.58 14.81 -3.95
C4 URI XA . -3.48 14.17 -3.13
C5 URI XA . -3.49 12.75 -3.23
C6 URI XA . -2.66 12.15 -4.08
O2 URI XA . -0.94 14.90 -5.51
O4 URI XA . -4.18 14.86 -2.39
C1' URI XA . -0.85 12.14 -5.78
C2' URI XA . -0.80 10.62 -5.60
C3' URI XA . -0.22 10.17 -6.93
C4' URI XA . -0.80 11.21 -7.92
O2' URI XA . -0.02 10.26 -4.47
O3' URI XA . 1.21 10.30 -6.89
O4' URI XA . -1.23 12.34 -7.12
C5' URI XA . -1.95 10.73 -8.78
O5' URI XA . -2.59 11.81 -9.45
CA CA YA . 19.11 28.98 0.61
N1 URI ZA . 5.28 11.55 -6.58
C2 URI ZA . 6.30 12.47 -6.55
N3 URI ZA . 6.50 13.11 -5.35
C4 URI ZA . 5.81 12.91 -4.17
C5 URI ZA . 4.77 11.90 -4.28
C6 URI ZA . 4.55 11.27 -5.44
O2 URI ZA . 6.97 12.73 -7.56
O4 URI ZA . 6.12 13.56 -3.17
C1' URI ZA . 5.10 10.88 -7.87
C2' URI ZA . 4.48 9.49 -7.83
C3' URI ZA . 3.96 9.34 -9.26
C4' URI ZA . 3.58 10.79 -9.64
O2' URI ZA . 5.43 8.51 -7.44
O3' URI ZA . 5.03 8.92 -10.10
O4' URI ZA . 4.24 11.65 -8.68
C5' URI ZA . 2.11 11.10 -9.69
O5' URI ZA . 1.51 10.58 -10.87
CA CA AB . -7.30 -17.46 -27.77
CA CA BB . -16.57 -15.98 -36.69
CA CA CB . -25.80 -12.49 -15.97
CA CA DB . -24.98 -14.65 -9.86
N1 URI EB . -2.77 -1.09 -12.99
C2 URI EB . -3.48 -1.50 -14.14
N3 URI EB . -3.10 -2.74 -14.64
C4 URI EB . -2.15 -3.60 -14.14
C5 URI EB . -1.49 -3.13 -12.96
C6 URI EB . -1.83 -1.94 -12.45
O2 URI EB . -4.34 -0.86 -14.72
O4 URI EB . -1.91 -4.68 -14.69
C1' URI EB . -3.03 0.17 -12.26
C2' URI EB . -1.81 0.69 -11.49
C3' URI EB . -2.13 2.18 -11.38
C4' URI EB . -2.95 2.48 -12.64
O2' URI EB . -1.64 0.03 -10.24
O3' URI EB . -2.92 2.42 -10.22
O4' URI EB . -3.40 1.19 -13.16
C5' URI EB . -2.22 3.22 -13.74
O5' URI EB . -1.60 2.32 -14.66
#